data_8IGZ
#
_entry.id   8IGZ
#
_cell.length_a   115.760
_cell.length_b   115.760
_cell.length_c   317.750
_cell.angle_alpha   90.00
_cell.angle_beta   90.00
_cell.angle_gamma   120.00
#
_symmetry.space_group_name_H-M   'P 61 2 2'
#
_entity_poly.entity_id   1
_entity_poly.type   'polypeptide(L)'
_entity_poly.pdbx_seq_one_letter_code
;MGSSHHHHHHSQGSMHYLDNLLLNTDSYKASHWLQYPPGTDASFFYVESRGGVYDQTAFFGLQSILKEAINRPVTHADID
DAKALLAAHGEPFNEAGWRDIVDRLGGQLPIRIRAVPEGCVVPTHNVLMTIESTDAKAFWVPSYLETLLLRVWYPVTVAT
VSWQVKQIVRDFLQRTSDDPEGQLPFKLFDFGARGVSSLGSAALGGAAHLVNFLGTDTLSALLLARAHYHTPVAGYSFPA
AEHSTITSWGREREVDAYRNMLTQFARPGAIVAVVSDSYDIYRAIREHWGTTLREEIIASGATVFIRPDSGDPVDVVEQC
LLLLDEAFGHQVNGKGYKVLNHVRVFQGDGINPQSLRAILERITAAGYAADNVAFGMGGALLQKVDRDTQKFALKCSAVR
VDGAWIDVYKDPITDQGKQSKRGRLTLLRDRATGQYRSALLDEVATHAGDSDDALVTVWENGQMLREWTLEQVRAHADAA
RL
;
_entity_poly.pdbx_strand_id   A,B
#
# COMPACT_ATOMS: atom_id res chain seq x y z
N MET A 15 -10.17 -10.50 -8.56
CA MET A 15 -9.50 -9.92 -9.72
C MET A 15 -10.49 -9.38 -10.76
N HIS A 16 -11.37 -10.26 -11.25
CA HIS A 16 -12.32 -9.92 -12.31
C HIS A 16 -13.44 -9.00 -11.85
N TYR A 17 -13.71 -8.92 -10.55
CA TYR A 17 -14.78 -8.07 -10.03
C TYR A 17 -14.51 -6.58 -10.20
N LEU A 18 -13.28 -6.20 -10.56
CA LEU A 18 -12.93 -4.80 -10.75
C LEU A 18 -12.93 -4.39 -12.22
N ASP A 19 -13.23 -5.33 -13.11
CA ASP A 19 -13.11 -5.13 -14.56
C ASP A 19 -14.26 -4.28 -15.11
N ASN A 20 -14.30 -3.03 -14.65
CA ASN A 20 -15.23 -2.04 -15.23
C ASN A 20 -14.60 -0.67 -15.02
N LEU A 21 -14.11 -0.09 -16.12
CA LEU A 21 -13.48 1.23 -16.05
C LEU A 21 -14.44 2.28 -15.52
N LEU A 22 -15.72 2.18 -15.91
CA LEU A 22 -16.71 3.19 -15.54
C LEU A 22 -16.86 3.35 -14.04
N LEU A 23 -16.42 2.35 -13.26
CA LEU A 23 -16.54 2.39 -11.81
C LEU A 23 -15.18 2.52 -11.13
N ASN A 24 -14.15 2.94 -11.87
CA ASN A 24 -12.82 3.14 -11.28
C ASN A 24 -12.55 4.63 -11.11
N THR A 25 -13.32 5.23 -10.20
CA THR A 25 -13.20 6.66 -9.95
C THR A 25 -13.89 6.98 -8.63
N ASP A 26 -13.74 8.24 -8.22
CA ASP A 26 -14.54 8.74 -7.11
C ASP A 26 -16.01 8.83 -7.54
N SER A 27 -16.91 8.66 -6.57
CA SER A 27 -18.33 8.64 -6.87
C SER A 27 -18.78 9.97 -7.48
N TYR A 28 -18.38 11.09 -6.88
CA TYR A 28 -18.79 12.39 -7.38
C TYR A 28 -18.14 12.74 -8.72
N LYS A 29 -17.06 12.05 -9.09
CA LYS A 29 -16.46 12.25 -10.40
C LYS A 29 -17.27 11.61 -11.52
N ALA A 30 -18.05 10.58 -11.23
CA ALA A 30 -18.98 10.04 -12.21
C ALA A 30 -20.08 11.02 -12.57
N SER A 31 -20.36 11.98 -11.70
CA SER A 31 -21.39 12.99 -11.93
C SER A 31 -20.80 14.36 -12.20
N HIS A 32 -19.55 14.42 -12.67
CA HIS A 32 -18.84 15.68 -12.77
C HIS A 32 -19.15 16.43 -14.06
N TRP A 33 -19.62 15.74 -15.10
CA TRP A 33 -19.90 16.41 -16.37
C TRP A 33 -21.02 17.42 -16.26
N LEU A 34 -21.91 17.27 -15.28
CA LEU A 34 -23.03 18.19 -15.10
C LEU A 34 -22.58 19.58 -14.69
N GLN A 35 -21.33 19.76 -14.29
CA GLN A 35 -20.88 21.01 -13.71
C GLN A 35 -20.02 21.84 -14.65
N TYR A 36 -19.79 21.38 -15.88
CA TYR A 36 -19.16 22.21 -16.88
C TYR A 36 -20.17 23.26 -17.38
N PRO A 37 -19.69 24.40 -17.89
CA PRO A 37 -20.60 25.38 -18.48
C PRO A 37 -21.21 24.84 -19.77
N PRO A 38 -22.30 25.43 -20.23
CA PRO A 38 -22.85 25.01 -21.52
C PRO A 38 -21.97 25.45 -22.67
N GLY A 39 -21.94 24.64 -23.72
CA GLY A 39 -21.10 24.92 -24.86
C GLY A 39 -19.65 24.53 -24.71
N THR A 40 -19.31 23.74 -23.69
CA THR A 40 -17.95 23.24 -23.53
C THR A 40 -17.69 22.11 -24.50
N ASP A 41 -16.48 22.10 -25.08
CA ASP A 41 -16.13 21.08 -26.07
C ASP A 41 -14.69 20.59 -25.93
N ALA A 42 -13.97 20.99 -24.88
CA ALA A 42 -12.64 20.46 -24.65
C ALA A 42 -12.20 20.81 -23.23
N SER A 43 -11.41 19.91 -22.65
CA SER A 43 -10.77 20.13 -21.35
C SER A 43 -9.31 19.71 -21.44
N PHE A 44 -8.47 20.37 -20.64
CA PHE A 44 -7.03 20.15 -20.64
C PHE A 44 -6.53 20.13 -19.20
N PHE A 45 -5.85 19.04 -18.82
CA PHE A 45 -5.35 18.84 -17.47
C PHE A 45 -3.85 18.60 -17.51
N TYR A 46 -3.19 18.85 -16.38
CA TYR A 46 -1.77 18.57 -16.22
C TYR A 46 -1.51 17.97 -14.84
N VAL A 47 -0.35 17.34 -14.70
CA VAL A 47 0.03 16.64 -13.48
C VAL A 47 1.41 17.13 -13.04
N GLU A 48 1.50 17.65 -11.82
CA GLU A 48 2.78 18.14 -11.31
C GLU A 48 2.95 17.72 -9.85
N SER A 49 4.21 17.68 -9.41
CA SER A 49 4.56 17.58 -8.00
C SER A 49 4.87 18.97 -7.49
N ARG A 50 4.00 19.50 -6.63
CA ARG A 50 4.14 20.86 -6.12
C ARG A 50 4.96 20.87 -4.83
N GLY A 51 6.13 20.24 -4.90
CA GLY A 51 7.04 20.23 -3.79
C GLY A 51 6.96 18.96 -2.97
N GLY A 52 7.41 19.05 -1.72
CA GLY A 52 7.39 17.94 -0.80
C GLY A 52 8.77 17.60 -0.27
N VAL A 53 8.97 16.32 0.02
CA VAL A 53 10.20 15.86 0.67
C VAL A 53 11.42 16.18 -0.18
N TYR A 54 11.35 15.89 -1.48
CA TYR A 54 12.48 16.06 -2.37
C TYR A 54 12.18 17.10 -3.43
N ASP A 55 13.25 17.63 -4.03
CA ASP A 55 13.14 18.68 -5.03
C ASP A 55 13.01 18.15 -6.45
N GLN A 56 13.10 16.83 -6.65
CA GLN A 56 12.95 16.26 -7.98
C GLN A 56 12.30 14.89 -7.84
N THR A 57 11.61 14.46 -8.90
CA THR A 57 10.89 13.21 -8.88
C THR A 57 11.21 12.40 -10.13
N ALA A 58 11.35 11.09 -9.96
CA ALA A 58 11.61 10.18 -11.06
C ALA A 58 10.27 9.68 -11.59
N PHE A 59 9.88 10.15 -12.77
CA PHE A 59 8.57 9.81 -13.31
C PHE A 59 8.55 8.34 -13.75
N PHE A 60 7.59 7.58 -13.21
CA PHE A 60 7.45 6.18 -13.55
C PHE A 60 6.06 5.68 -13.16
N GLY A 61 5.55 4.72 -13.93
CA GLY A 61 4.35 3.97 -13.56
C GLY A 61 3.18 4.20 -14.50
N LEU A 62 3.14 5.35 -15.17
CA LEU A 62 1.98 5.70 -15.98
C LEU A 62 1.68 4.62 -17.02
N GLN A 63 2.73 4.02 -17.58
CA GLN A 63 2.55 3.01 -18.62
C GLN A 63 1.82 1.80 -18.07
N SER A 64 2.25 1.31 -16.90
CA SER A 64 1.57 0.19 -16.25
C SER A 64 0.13 0.54 -15.92
N ILE A 65 -0.11 1.76 -15.44
CA ILE A 65 -1.47 2.18 -15.10
C ILE A 65 -2.37 2.11 -16.34
N LEU A 66 -1.90 2.64 -17.46
CA LEU A 66 -2.74 2.67 -18.66
C LEU A 66 -2.96 1.27 -19.23
N LYS A 67 -1.97 0.39 -19.12
CA LYS A 67 -2.12 -0.97 -19.64
C LYS A 67 -3.13 -1.76 -18.83
N GLU A 68 -3.16 -1.55 -17.51
CA GLU A 68 -4.03 -2.35 -16.66
C GLU A 68 -5.39 -1.71 -16.44
N ALA A 69 -5.44 -0.39 -16.21
CA ALA A 69 -6.71 0.28 -15.97
C ALA A 69 -7.53 0.45 -17.24
N ILE A 70 -6.87 0.64 -18.39
CA ILE A 70 -7.57 0.77 -19.67
C ILE A 70 -7.11 -0.34 -20.60
N ASN A 71 -7.66 -1.54 -20.42
CA ASN A 71 -7.16 -2.72 -21.13
C ASN A 71 -8.11 -3.23 -22.20
N ARG A 72 -9.28 -2.60 -22.37
CA ARG A 72 -10.25 -3.08 -23.33
C ARG A 72 -11.26 -1.97 -23.60
N PRO A 73 -11.98 -2.02 -24.71
CA PRO A 73 -13.00 -1.02 -24.98
C PRO A 73 -14.12 -1.06 -23.94
N VAL A 74 -14.75 0.10 -23.73
CA VAL A 74 -15.93 0.17 -22.88
C VAL A 74 -17.08 -0.54 -23.55
N THR A 75 -17.77 -1.39 -22.81
CA THR A 75 -18.88 -2.16 -23.35
C THR A 75 -20.21 -1.59 -22.85
N HIS A 76 -21.27 -1.94 -23.56
CA HIS A 76 -22.61 -1.57 -23.10
C HIS A 76 -22.93 -2.21 -21.77
N ALA A 77 -22.44 -3.43 -21.53
CA ALA A 77 -22.63 -4.07 -20.23
C ALA A 77 -22.02 -3.22 -19.13
N ASP A 78 -20.84 -2.65 -19.37
CA ASP A 78 -20.22 -1.73 -18.42
C ASP A 78 -21.17 -0.57 -18.08
N ILE A 79 -21.78 0.01 -19.12
CA ILE A 79 -22.74 1.09 -18.89
C ILE A 79 -23.93 0.60 -18.10
N ASP A 80 -24.39 -0.63 -18.37
CA ASP A 80 -25.53 -1.17 -17.66
C ASP A 80 -25.24 -1.29 -16.17
N ASP A 81 -24.08 -1.87 -15.81
CA ASP A 81 -23.77 -2.09 -14.41
C ASP A 81 -23.50 -0.78 -13.69
N ALA A 82 -22.76 0.14 -14.33
CA ALA A 82 -22.43 1.40 -13.68
C ALA A 82 -23.67 2.27 -13.51
N LYS A 83 -24.58 2.25 -14.49
CA LYS A 83 -25.84 2.96 -14.33
C LYS A 83 -26.62 2.43 -13.13
N ALA A 84 -26.70 1.11 -13.02
CA ALA A 84 -27.47 0.49 -11.93
C ALA A 84 -26.86 0.81 -10.58
N LEU A 85 -25.55 0.59 -10.43
CA LEU A 85 -24.91 0.77 -9.13
C LEU A 85 -24.92 2.23 -8.69
N LEU A 86 -24.53 3.14 -9.58
CA LEU A 86 -24.48 4.55 -9.22
C LEU A 86 -25.87 5.09 -8.88
N ALA A 87 -26.92 4.51 -9.48
CA ALA A 87 -28.27 4.93 -9.14
C ALA A 87 -28.64 4.52 -7.72
N ALA A 88 -28.33 3.27 -7.34
CA ALA A 88 -28.56 2.85 -5.96
C ALA A 88 -27.60 3.51 -5.00
N HIS A 89 -26.38 3.82 -5.45
CA HIS A 89 -25.36 4.39 -4.59
C HIS A 89 -25.61 5.86 -4.31
N GLY A 90 -26.22 6.59 -5.26
CA GLY A 90 -26.61 7.96 -5.04
C GLY A 90 -25.92 9.02 -5.89
N GLU A 91 -25.45 8.65 -7.08
CA GLU A 91 -24.78 9.61 -7.96
C GLU A 91 -25.39 9.60 -9.35
N PRO A 92 -25.50 10.77 -9.99
CA PRO A 92 -25.92 10.81 -11.39
C PRO A 92 -24.87 10.19 -12.29
N PHE A 93 -25.34 9.43 -13.30
CA PHE A 93 -24.47 8.76 -14.24
C PHE A 93 -24.89 9.11 -15.66
N ASN A 94 -23.93 9.59 -16.45
CA ASN A 94 -24.19 10.03 -17.82
C ASN A 94 -24.27 8.83 -18.75
N GLU A 95 -25.41 8.12 -18.69
CA GLU A 95 -25.62 7.00 -19.61
C GLU A 95 -25.53 7.46 -21.05
N ALA A 96 -26.06 8.63 -21.35
CA ALA A 96 -26.07 9.13 -22.73
C ALA A 96 -24.66 9.25 -23.29
N GLY A 97 -23.76 9.90 -22.54
CA GLY A 97 -22.40 10.08 -23.02
C GLY A 97 -21.67 8.77 -23.21
N TRP A 98 -21.86 7.82 -22.29
CA TRP A 98 -21.14 6.56 -22.36
C TRP A 98 -21.66 5.67 -23.48
N ARG A 99 -22.98 5.62 -23.66
CA ARG A 99 -23.53 4.84 -24.77
C ARG A 99 -23.09 5.42 -26.11
N ASP A 100 -22.91 6.74 -26.18
CA ASP A 100 -22.42 7.35 -27.40
C ASP A 100 -20.96 7.00 -27.64
N ILE A 101 -20.17 6.92 -26.56
CA ILE A 101 -18.77 6.55 -26.69
C ILE A 101 -18.65 5.11 -27.19
N VAL A 102 -19.45 4.21 -26.64
CA VAL A 102 -19.42 2.81 -27.09
C VAL A 102 -19.91 2.71 -28.53
N ASP A 103 -20.99 3.41 -28.86
CA ASP A 103 -21.57 3.31 -30.20
C ASP A 103 -20.73 4.05 -31.24
N ARG A 104 -20.47 5.33 -31.00
CA ARG A 104 -19.81 6.14 -32.01
C ARG A 104 -18.31 5.93 -32.02
N LEU A 105 -17.66 6.04 -30.86
CA LEU A 105 -16.22 5.95 -30.74
C LEU A 105 -15.74 4.54 -30.42
N GLY A 106 -16.60 3.54 -30.60
CA GLY A 106 -16.19 2.15 -30.43
C GLY A 106 -15.64 1.83 -29.05
N GLY A 107 -16.16 2.48 -28.00
CA GLY A 107 -15.67 2.24 -26.67
C GLY A 107 -14.23 2.62 -26.42
N GLN A 108 -13.66 3.48 -27.27
CA GLN A 108 -12.29 3.94 -27.12
C GLN A 108 -12.30 5.35 -26.53
N LEU A 109 -11.63 5.51 -25.39
CA LEU A 109 -11.63 6.79 -24.69
C LEU A 109 -11.04 7.89 -25.59
N PRO A 110 -11.77 8.96 -25.86
CA PRO A 110 -11.27 10.05 -26.73
C PRO A 110 -10.39 11.04 -25.98
N ILE A 111 -9.22 10.58 -25.56
CA ILE A 111 -8.25 11.44 -24.88
C ILE A 111 -6.88 11.20 -25.49
N ARG A 112 -6.00 12.17 -25.27
CA ARG A 112 -4.60 12.04 -25.64
C ARG A 112 -3.76 12.34 -24.41
N ILE A 113 -2.86 11.43 -24.07
CA ILE A 113 -2.00 11.55 -22.91
C ILE A 113 -0.57 11.74 -23.39
N ARG A 114 0.05 12.82 -22.95
CA ARG A 114 1.46 13.08 -23.19
C ARG A 114 2.18 13.09 -21.85
N ALA A 115 3.40 12.57 -21.82
CA ALA A 115 4.15 12.46 -20.59
C ALA A 115 5.64 12.43 -20.89
N VAL A 116 6.42 12.83 -19.90
CA VAL A 116 7.88 12.78 -19.93
C VAL A 116 8.26 11.30 -19.99
N PRO A 117 9.34 10.95 -20.69
CA PRO A 117 9.74 9.53 -20.74
C PRO A 117 9.99 8.96 -19.35
N GLU A 118 9.40 7.80 -19.10
CA GLU A 118 9.48 7.21 -17.78
C GLU A 118 10.92 6.91 -17.42
N GLY A 119 11.33 7.36 -16.23
CA GLY A 119 12.71 7.30 -15.79
C GLY A 119 13.33 8.67 -15.59
N CYS A 120 12.88 9.67 -16.37
CA CYS A 120 13.43 11.01 -16.24
C CYS A 120 13.16 11.59 -14.85
N VAL A 121 14.17 12.22 -14.28
CA VAL A 121 14.06 12.89 -12.99
C VAL A 121 13.85 14.37 -13.25
N VAL A 122 12.67 14.86 -12.89
CA VAL A 122 12.26 16.23 -13.22
C VAL A 122 12.10 17.03 -11.94
N PRO A 123 12.60 18.27 -11.89
CA PRO A 123 12.41 19.09 -10.69
C PRO A 123 10.94 19.36 -10.43
N THR A 124 10.60 19.54 -9.15
CA THR A 124 9.21 19.74 -8.77
C THR A 124 8.68 21.05 -9.35
N HIS A 125 7.35 21.16 -9.36
CA HIS A 125 6.63 22.29 -9.95
C HIS A 125 6.78 22.34 -11.47
N ASN A 126 6.87 21.19 -12.12
CA ASN A 126 6.96 21.09 -13.56
C ASN A 126 5.89 20.14 -14.09
N VAL A 127 5.44 20.42 -15.32
CA VAL A 127 4.43 19.60 -15.97
C VAL A 127 5.04 18.23 -16.27
N LEU A 128 4.42 17.17 -15.74
CA LEU A 128 4.86 15.80 -16.01
C LEU A 128 3.94 15.04 -16.95
N MET A 129 2.65 15.38 -16.97
CA MET A 129 1.70 14.76 -17.87
C MET A 129 0.71 15.81 -18.34
N THR A 130 0.11 15.56 -19.50
CA THR A 130 -1.02 16.32 -19.98
C THR A 130 -2.06 15.36 -20.50
N ILE A 131 -3.31 15.57 -20.10
CA ILE A 131 -4.46 14.83 -20.62
C ILE A 131 -5.40 15.83 -21.26
N GLU A 132 -5.77 15.57 -22.52
CA GLU A 132 -6.63 16.46 -23.27
C GLU A 132 -7.70 15.62 -23.96
N SER A 133 -8.88 16.20 -24.14
CA SER A 133 -9.95 15.53 -24.86
C SER A 133 -9.71 15.61 -26.36
N THR A 134 -10.12 14.58 -27.08
CA THR A 134 -10.01 14.54 -28.53
C THR A 134 -11.38 14.52 -29.21
N ASP A 135 -12.46 14.70 -28.46
CA ASP A 135 -13.79 14.74 -29.04
C ASP A 135 -14.56 15.88 -28.40
N ALA A 136 -15.47 16.48 -29.18
CA ALA A 136 -16.24 17.60 -28.69
C ALA A 136 -17.36 17.17 -27.75
N LYS A 137 -17.99 16.02 -28.01
CA LYS A 137 -19.03 15.52 -27.13
C LYS A 137 -18.46 15.01 -25.81
N ALA A 138 -17.41 14.19 -25.88
CA ALA A 138 -16.82 13.54 -24.71
C ALA A 138 -15.62 14.31 -24.19
N PHE A 139 -15.80 15.61 -23.95
CA PHE A 139 -14.74 16.46 -23.43
C PHE A 139 -14.45 16.17 -21.96
N TRP A 140 -15.45 15.66 -21.24
CA TRP A 140 -15.39 15.42 -19.80
C TRP A 140 -14.66 14.13 -19.42
N VAL A 141 -14.23 13.34 -20.40
CA VAL A 141 -13.58 12.07 -20.08
C VAL A 141 -12.36 12.25 -19.21
N PRO A 142 -11.46 13.21 -19.47
CA PRO A 142 -10.31 13.41 -18.56
C PRO A 142 -10.70 13.57 -17.09
N SER A 143 -11.72 14.39 -16.80
CA SER A 143 -12.16 14.52 -15.41
C SER A 143 -12.56 13.17 -14.84
N TYR A 144 -13.27 12.35 -15.63
CA TYR A 144 -13.71 11.04 -15.16
C TYR A 144 -12.52 10.15 -14.81
N LEU A 145 -11.47 10.19 -15.63
CA LEU A 145 -10.28 9.36 -15.42
C LEU A 145 -9.31 9.94 -14.40
N GLU A 146 -9.67 11.03 -13.71
CA GLU A 146 -8.72 11.69 -12.84
C GLU A 146 -8.31 10.80 -11.68
N THR A 147 -9.27 10.08 -11.10
CA THR A 147 -9.00 9.31 -9.89
C THR A 147 -7.96 8.23 -10.13
N LEU A 148 -8.11 7.45 -11.19
CA LEU A 148 -7.14 6.39 -11.45
C LEU A 148 -5.79 6.98 -11.89
N LEU A 149 -5.81 8.06 -12.68
CA LEU A 149 -4.56 8.63 -13.17
C LEU A 149 -3.75 9.25 -12.05
N LEU A 150 -4.40 9.97 -11.14
CA LEU A 150 -3.67 10.65 -10.08
C LEU A 150 -2.90 9.66 -9.21
N ARG A 151 -3.36 8.41 -9.13
CA ARG A 151 -2.66 7.39 -8.36
C ARG A 151 -1.29 7.08 -8.95
N VAL A 152 -0.89 7.77 -10.02
CA VAL A 152 0.49 7.74 -10.46
C VAL A 152 1.43 8.33 -9.43
N TRP A 153 0.89 9.04 -8.43
CA TRP A 153 1.72 9.54 -7.34
C TRP A 153 2.51 8.41 -6.69
N TYR A 154 1.94 7.20 -6.64
CA TYR A 154 2.59 6.13 -5.90
C TYR A 154 3.85 5.62 -6.62
N PRO A 155 3.77 5.11 -7.86
CA PRO A 155 5.01 4.67 -8.52
C PRO A 155 6.02 5.79 -8.71
N VAL A 156 5.57 7.04 -8.88
CA VAL A 156 6.51 8.16 -8.95
C VAL A 156 7.22 8.33 -7.61
N THR A 157 6.46 8.30 -6.51
CA THR A 157 7.04 8.55 -5.20
C THR A 157 8.02 7.45 -4.79
N VAL A 158 7.66 6.19 -5.05
CA VAL A 158 8.54 5.09 -4.66
C VAL A 158 9.77 5.05 -5.54
N ALA A 159 9.61 5.32 -6.84
CA ALA A 159 10.77 5.40 -7.72
C ALA A 159 11.70 6.52 -7.28
N THR A 160 11.13 7.64 -6.85
CA THR A 160 11.95 8.74 -6.34
C THR A 160 12.68 8.32 -5.07
N VAL A 161 11.99 7.65 -4.15
CA VAL A 161 12.62 7.24 -2.90
C VAL A 161 13.80 6.33 -3.19
N SER A 162 13.58 5.27 -3.98
CA SER A 162 14.66 4.37 -4.35
C SER A 162 15.80 5.13 -5.04
N TRP A 163 15.45 6.11 -5.88
CA TRP A 163 16.46 6.86 -6.62
C TRP A 163 17.24 7.78 -5.71
N GLN A 164 16.57 8.47 -4.78
CA GLN A 164 17.26 9.34 -3.83
C GLN A 164 18.22 8.54 -2.97
N VAL A 165 17.85 7.30 -2.64
CA VAL A 165 18.75 6.43 -1.88
C VAL A 165 19.94 6.02 -2.75
N LYS A 166 19.68 5.74 -4.03
CA LYS A 166 20.77 5.37 -4.93
C LYS A 166 21.82 6.48 -5.01
N GLN A 167 21.39 7.73 -5.05
CA GLN A 167 22.34 8.83 -5.09
C GLN A 167 23.17 8.91 -3.81
N ILE A 168 22.60 8.50 -2.67
CA ILE A 168 23.36 8.49 -1.43
C ILE A 168 24.44 7.41 -1.48
N VAL A 169 24.06 6.19 -1.88
CA VAL A 169 25.02 5.10 -1.96
C VAL A 169 26.06 5.38 -3.02
N ARG A 170 25.65 6.00 -4.13
CA ARG A 170 26.59 6.35 -5.19
C ARG A 170 27.71 7.24 -4.65
N ASP A 171 27.36 8.19 -3.77
CA ASP A 171 28.36 9.09 -3.22
C ASP A 171 29.43 8.32 -2.45
N PHE A 172 29.00 7.52 -1.46
CA PHE A 172 29.99 6.82 -0.64
C PHE A 172 30.71 5.72 -1.41
N LEU A 173 30.06 5.14 -2.43
CA LEU A 173 30.78 4.20 -3.29
C LEU A 173 31.81 4.92 -4.13
N GLN A 174 31.46 6.10 -4.66
CA GLN A 174 32.43 6.86 -5.44
C GLN A 174 33.65 7.24 -4.61
N ARG A 175 33.45 7.49 -3.31
CA ARG A 175 34.55 7.91 -2.47
C ARG A 175 35.37 6.74 -1.95
N THR A 176 34.78 5.57 -1.74
CA THR A 176 35.45 4.49 -1.02
C THR A 176 35.62 3.19 -1.79
N SER A 177 35.02 3.04 -2.97
CA SER A 177 35.04 1.77 -3.69
C SER A 177 35.85 1.87 -4.98
N ASP A 178 36.57 0.79 -5.30
CA ASP A 178 37.30 0.70 -6.56
C ASP A 178 36.39 0.41 -7.74
N ASP A 179 35.13 0.05 -7.51
CA ASP A 179 34.20 -0.30 -8.58
C ASP A 179 32.80 0.16 -8.18
N PRO A 180 32.57 1.47 -8.15
CA PRO A 180 31.28 1.98 -7.65
C PRO A 180 30.10 1.53 -8.49
N GLU A 181 30.11 1.85 -9.78
CA GLU A 181 28.93 1.56 -10.61
C GLU A 181 28.66 0.08 -10.74
N GLY A 182 29.65 -0.77 -10.49
CA GLY A 182 29.44 -2.20 -10.43
C GLY A 182 28.87 -2.65 -9.10
N GLN A 183 29.28 -1.97 -8.02
CA GLN A 183 28.76 -2.29 -6.69
C GLN A 183 27.35 -1.75 -6.49
N LEU A 184 27.02 -0.64 -7.13
CA LEU A 184 25.81 0.11 -6.78
C LEU A 184 24.50 -0.67 -6.98
N PRO A 185 24.22 -1.29 -8.13
CA PRO A 185 22.87 -1.82 -8.37
C PRO A 185 22.41 -2.90 -7.39
N PHE A 186 23.27 -3.39 -6.49
CA PHE A 186 22.86 -4.40 -5.52
C PHE A 186 22.94 -3.89 -4.08
N LYS A 187 22.84 -2.59 -3.87
CA LYS A 187 23.01 -2.03 -2.54
C LYS A 187 21.70 -1.81 -1.79
N LEU A 188 20.55 -1.87 -2.48
CA LEU A 188 19.25 -1.65 -1.86
C LEU A 188 18.28 -2.72 -2.34
N PHE A 189 17.97 -3.67 -1.47
CA PHE A 189 17.02 -4.73 -1.77
C PHE A 189 15.64 -4.34 -1.22
N ASP A 190 14.63 -4.46 -2.07
CA ASP A 190 13.25 -4.27 -1.65
C ASP A 190 12.72 -5.60 -1.12
N PHE A 191 12.46 -5.67 0.18
CA PHE A 191 11.83 -6.84 0.78
C PHE A 191 10.44 -6.53 1.33
N GLY A 192 9.85 -5.39 0.97
CA GLY A 192 8.62 -4.93 1.57
C GLY A 192 7.33 -5.51 1.05
N ALA A 193 7.38 -6.69 0.42
CA ALA A 193 6.15 -7.28 -0.13
C ALA A 193 5.16 -7.61 0.97
N ARG A 194 5.63 -7.87 2.19
CA ARG A 194 4.73 -8.18 3.29
C ARG A 194 4.19 -6.94 3.99
N GLY A 195 4.86 -5.80 3.87
CA GLY A 195 4.45 -4.61 4.59
C GLY A 195 3.76 -3.58 3.73
N VAL A 196 3.25 -4.01 2.58
CA VAL A 196 2.57 -3.13 1.64
C VAL A 196 1.08 -3.45 1.70
N SER A 197 0.26 -2.51 1.22
CA SER A 197 -1.17 -2.56 1.49
C SER A 197 -1.90 -3.62 0.68
N SER A 198 -1.37 -4.04 -0.47
CA SER A 198 -2.07 -5.00 -1.30
C SER A 198 -1.10 -5.63 -2.29
N LEU A 199 -1.59 -6.65 -3.01
CA LEU A 199 -0.78 -7.32 -4.03
C LEU A 199 -0.43 -6.37 -5.16
N GLY A 200 -1.42 -5.62 -5.66
CA GLY A 200 -1.16 -4.71 -6.76
C GLY A 200 -0.15 -3.63 -6.39
N SER A 201 -0.25 -3.08 -5.18
CA SER A 201 0.72 -2.09 -4.75
C SER A 201 2.12 -2.68 -4.63
N ALA A 202 2.22 -3.93 -4.16
CA ALA A 202 3.51 -4.60 -4.09
C ALA A 202 4.16 -4.69 -5.47
N ALA A 203 3.39 -5.13 -6.47
CA ALA A 203 3.90 -5.28 -7.82
C ALA A 203 4.35 -3.94 -8.41
N LEU A 204 3.41 -2.99 -8.53
CA LEU A 204 3.75 -1.68 -9.10
C LEU A 204 4.81 -0.97 -8.27
N GLY A 205 4.67 -0.99 -6.94
CA GLY A 205 5.67 -0.35 -6.11
C GLY A 205 7.03 -0.98 -6.24
N GLY A 206 7.07 -2.32 -6.21
CA GLY A 206 8.34 -3.01 -6.34
C GLY A 206 9.05 -2.67 -7.64
N ALA A 207 8.28 -2.50 -8.72
CA ALA A 207 8.86 -2.12 -9.99
C ALA A 207 9.45 -0.72 -9.94
N ALA A 208 8.76 0.21 -9.28
CA ALA A 208 9.31 1.56 -9.12
C ALA A 208 10.69 1.52 -8.48
N HIS A 209 10.90 0.62 -7.52
CA HIS A 209 12.24 0.44 -6.97
C HIS A 209 13.17 -0.22 -7.96
N LEU A 210 12.66 -1.11 -8.81
CA LEU A 210 13.51 -1.76 -9.80
C LEU A 210 14.00 -0.81 -10.88
N VAL A 211 13.46 0.41 -10.93
CA VAL A 211 13.97 1.42 -11.85
C VAL A 211 15.42 1.74 -11.52
N ASN A 212 15.80 1.64 -10.24
CA ASN A 212 17.11 2.07 -9.77
C ASN A 212 18.04 0.95 -9.36
N PHE A 213 17.53 -0.23 -9.03
CA PHE A 213 18.35 -1.30 -8.48
C PHE A 213 17.99 -2.63 -9.13
N LEU A 214 18.82 -3.63 -8.86
CA LEU A 214 18.59 -4.99 -9.32
C LEU A 214 18.15 -5.94 -8.20
N GLY A 215 18.22 -5.53 -6.96
CA GLY A 215 17.89 -6.39 -5.84
C GLY A 215 16.43 -6.22 -5.41
N THR A 216 15.73 -7.35 -5.30
CA THR A 216 14.37 -7.34 -4.80
C THR A 216 13.99 -8.75 -4.36
N ASP A 217 13.19 -8.82 -3.30
CA ASP A 217 12.47 -10.04 -2.94
C ASP A 217 11.00 -9.98 -3.33
N THR A 218 10.53 -8.84 -3.84
CA THR A 218 9.15 -8.66 -4.26
C THR A 218 8.98 -9.32 -5.63
N LEU A 219 8.63 -10.62 -5.61
CA LEU A 219 8.46 -11.36 -6.84
C LEU A 219 7.38 -10.75 -7.73
N SER A 220 6.36 -10.15 -7.11
CA SER A 220 5.30 -9.52 -7.89
C SER A 220 5.81 -8.37 -8.73
N ALA A 221 6.92 -7.74 -8.33
CA ALA A 221 7.52 -6.72 -9.18
C ALA A 221 8.08 -7.34 -10.46
N LEU A 222 8.73 -8.50 -10.35
CA LEU A 222 9.17 -9.22 -11.55
C LEU A 222 8.01 -9.46 -12.50
N LEU A 223 6.85 -9.84 -11.96
CA LEU A 223 5.72 -10.17 -12.80
C LEU A 223 5.20 -8.95 -13.53
N LEU A 224 5.07 -7.81 -12.84
CA LEU A 224 4.58 -6.61 -13.50
C LEU A 224 5.60 -6.09 -14.50
N ALA A 225 6.88 -6.14 -14.16
CA ALA A 225 7.91 -5.68 -15.09
C ALA A 225 7.92 -6.53 -16.35
N ARG A 226 7.66 -7.83 -16.22
CA ARG A 226 7.55 -8.69 -17.39
C ARG A 226 6.28 -8.42 -18.17
N ALA A 227 5.18 -8.13 -17.47
CA ALA A 227 3.89 -7.96 -18.14
C ALA A 227 3.74 -6.59 -18.76
N HIS A 228 4.21 -5.54 -18.08
CA HIS A 228 3.98 -4.18 -18.53
C HIS A 228 5.23 -3.46 -19.01
N TYR A 229 6.41 -4.05 -18.87
CA TYR A 229 7.63 -3.34 -19.26
C TYR A 229 8.61 -4.21 -20.04
N HIS A 230 8.19 -5.37 -20.53
CA HIS A 230 8.99 -6.18 -21.46
C HIS A 230 10.38 -6.51 -20.91
N THR A 231 10.44 -6.82 -19.62
CA THR A 231 11.70 -7.21 -18.97
C THR A 231 11.50 -8.55 -18.27
N PRO A 232 11.94 -9.66 -18.90
CA PRO A 232 11.53 -10.99 -18.41
C PRO A 232 11.96 -11.30 -16.98
N VAL A 233 13.21 -11.02 -16.61
CA VAL A 233 13.67 -11.26 -15.24
C VAL A 233 14.34 -9.99 -14.73
N ALA A 234 13.53 -8.99 -14.39
CA ALA A 234 14.03 -7.64 -14.14
C ALA A 234 14.93 -7.53 -12.92
N GLY A 235 14.91 -8.50 -12.01
CA GLY A 235 15.70 -8.41 -10.79
C GLY A 235 16.15 -9.78 -10.31
N TYR A 236 17.02 -9.76 -9.30
CA TYR A 236 17.62 -10.97 -8.76
C TYR A 236 17.59 -10.95 -7.24
N SER A 237 17.66 -12.15 -6.65
CA SER A 237 17.64 -12.30 -5.21
C SER A 237 18.62 -13.39 -4.79
N PHE A 238 18.96 -13.37 -3.50
CA PHE A 238 19.76 -14.38 -2.83
C PHE A 238 18.93 -15.07 -1.75
N PRO A 239 19.26 -16.32 -1.41
CA PRO A 239 18.58 -16.99 -0.29
C PRO A 239 19.08 -16.46 1.05
N ALA A 240 18.15 -16.39 2.01
CA ALA A 240 18.43 -15.78 3.31
C ALA A 240 17.80 -16.61 4.42
N ALA A 241 18.50 -16.65 5.55
CA ALA A 241 18.12 -17.48 6.69
C ALA A 241 17.10 -16.76 7.55
N GLU A 242 15.96 -17.43 7.80
CA GLU A 242 14.93 -16.90 8.68
C GLU A 242 15.26 -17.24 10.12
N HIS A 243 15.14 -16.24 11.01
CA HIS A 243 15.58 -16.43 12.38
C HIS A 243 14.68 -17.40 13.15
N SER A 244 13.40 -17.47 12.78
CA SER A 244 12.52 -18.44 13.45
C SER A 244 12.92 -19.87 13.11
N THR A 245 13.34 -20.11 11.86
CA THR A 245 13.66 -21.47 11.44
C THR A 245 14.94 -21.98 12.08
N ILE A 246 15.95 -21.11 12.19
CA ILE A 246 17.20 -21.51 12.84
C ILE A 246 16.94 -21.92 14.28
N THR A 247 16.08 -21.17 14.97
CA THR A 247 15.79 -21.47 16.37
C THR A 247 15.19 -22.86 16.52
N SER A 248 14.34 -23.27 15.57
CA SER A 248 13.67 -24.56 15.69
C SER A 248 14.65 -25.72 15.77
N TRP A 249 15.85 -25.57 15.18
CA TRP A 249 16.88 -26.59 15.29
C TRP A 249 17.25 -26.88 16.74
N GLY A 250 16.97 -25.96 17.65
CA GLY A 250 17.33 -26.13 19.04
C GLY A 250 18.59 -25.36 19.40
N ARG A 251 18.67 -24.95 20.66
CA ARG A 251 19.87 -24.27 21.14
C ARG A 251 21.11 -25.15 20.98
N GLU A 252 20.93 -26.47 21.01
CA GLU A 252 22.05 -27.40 20.96
C GLU A 252 22.66 -27.45 19.57
N ARG A 253 21.82 -27.64 18.54
CA ARG A 253 22.28 -27.73 17.16
C ARG A 253 22.29 -26.39 16.45
N GLU A 254 22.52 -25.28 17.17
CA GLU A 254 22.46 -23.97 16.53
C GLU A 254 23.59 -23.78 15.52
N VAL A 255 24.77 -24.35 15.80
CA VAL A 255 25.82 -24.40 14.79
C VAL A 255 25.34 -25.15 13.57
N ASP A 256 24.77 -26.34 13.78
CA ASP A 256 24.36 -27.20 12.68
C ASP A 256 23.32 -26.54 11.79
N ALA A 257 22.56 -25.57 12.32
CA ALA A 257 21.62 -24.82 11.48
C ALA A 257 22.37 -24.00 10.43
N TYR A 258 23.35 -23.20 10.86
CA TYR A 258 24.12 -22.42 9.91
C TYR A 258 24.97 -23.31 9.00
N ARG A 259 25.48 -24.43 9.52
CA ARG A 259 26.26 -25.33 8.68
C ARG A 259 25.41 -25.86 7.53
N ASN A 260 24.18 -26.28 7.83
CA ASN A 260 23.25 -26.69 6.77
C ASN A 260 22.91 -25.52 5.87
N MET A 261 22.79 -24.31 6.44
CA MET A 261 22.52 -23.13 5.64
C MET A 261 23.56 -22.98 4.53
N LEU A 262 24.84 -23.21 4.87
CA LEU A 262 25.88 -23.16 3.86
C LEU A 262 25.80 -24.36 2.91
N THR A 263 25.47 -25.54 3.44
CA THR A 263 25.42 -26.74 2.61
C THR A 263 24.45 -26.56 1.44
N GLN A 264 23.30 -25.93 1.69
CA GLN A 264 22.29 -25.78 0.66
C GLN A 264 22.68 -24.71 -0.36
N PHE A 265 23.12 -23.54 0.10
CA PHE A 265 23.22 -22.39 -0.78
C PHE A 265 24.63 -21.85 -0.97
N ALA A 266 25.59 -22.18 -0.12
CA ALA A 266 26.93 -21.57 -0.20
C ALA A 266 27.73 -22.27 -1.28
N ARG A 267 27.47 -21.86 -2.51
CA ARG A 267 28.24 -22.30 -3.66
C ARG A 267 29.20 -21.20 -4.10
N PRO A 268 30.31 -21.56 -4.79
CA PRO A 268 31.42 -20.62 -5.02
C PRO A 268 31.02 -19.20 -5.39
N GLY A 269 30.36 -19.01 -6.52
CA GLY A 269 30.01 -17.65 -6.86
C GLY A 269 28.75 -17.11 -6.21
N ALA A 270 28.17 -17.83 -5.25
CA ALA A 270 26.83 -17.52 -4.77
C ALA A 270 26.85 -16.52 -3.61
N ILE A 271 25.66 -16.01 -3.30
CA ILE A 271 25.44 -15.13 -2.17
C ILE A 271 24.43 -15.80 -1.25
N VAL A 272 24.80 -15.93 0.03
CA VAL A 272 23.93 -16.51 1.04
C VAL A 272 23.89 -15.57 2.22
N ALA A 273 22.70 -15.33 2.75
CA ALA A 273 22.50 -14.44 3.88
C ALA A 273 22.09 -15.24 5.11
N VAL A 274 22.79 -15.02 6.21
CA VAL A 274 22.45 -15.65 7.48
C VAL A 274 22.14 -14.55 8.48
N VAL A 275 21.35 -14.89 9.49
CA VAL A 275 20.95 -13.95 10.54
C VAL A 275 21.62 -14.35 11.84
N SER A 276 22.09 -13.36 12.57
CA SER A 276 22.56 -13.53 13.95
C SER A 276 22.42 -12.18 14.65
N ASP A 277 22.83 -12.12 15.91
CA ASP A 277 22.77 -10.87 16.64
C ASP A 277 24.17 -10.37 16.95
N SER A 278 24.23 -9.17 17.53
CA SER A 278 25.51 -8.57 17.88
C SER A 278 26.29 -9.45 18.83
N TYR A 279 25.60 -10.18 19.70
CA TYR A 279 26.23 -10.90 20.79
C TYR A 279 26.65 -12.32 20.42
N ASP A 280 26.04 -12.92 19.39
CA ASP A 280 26.47 -14.23 18.94
C ASP A 280 27.79 -14.15 18.18
N ILE A 281 27.91 -13.21 17.24
CA ILE A 281 29.18 -13.01 16.54
C ILE A 281 30.29 -12.71 17.54
N TYR A 282 29.96 -11.93 18.58
CA TYR A 282 30.92 -11.69 19.65
C TYR A 282 31.32 -13.00 20.32
N ARG A 283 30.33 -13.84 20.64
CA ARG A 283 30.61 -15.12 21.31
C ARG A 283 31.42 -16.04 20.40
N ALA A 284 30.92 -16.29 19.18
CA ALA A 284 31.55 -17.18 18.23
C ALA A 284 33.05 -16.93 18.06
N ILE A 285 33.48 -15.70 18.31
CA ILE A 285 34.85 -15.34 17.99
C ILE A 285 35.79 -15.72 19.13
N ARG A 286 35.49 -15.25 20.34
CA ARG A 286 36.39 -15.44 21.47
C ARG A 286 35.97 -16.60 22.36
N GLU A 287 34.97 -17.38 21.96
CA GLU A 287 34.64 -18.61 22.67
C GLU A 287 34.90 -19.86 21.84
N HIS A 288 35.05 -19.74 20.51
CA HIS A 288 35.44 -20.81 19.60
C HIS A 288 34.36 -21.85 19.39
N TRP A 289 33.14 -21.59 19.88
CA TRP A 289 32.03 -22.53 19.73
C TRP A 289 31.77 -22.83 18.27
N GLY A 290 31.74 -21.79 17.44
CA GLY A 290 31.72 -21.98 16.01
C GLY A 290 33.02 -21.60 15.35
N THR A 291 34.16 -21.92 15.96
CA THR A 291 35.42 -21.72 15.25
C THR A 291 35.54 -22.66 14.06
N THR A 292 34.84 -23.79 14.09
CA THR A 292 34.73 -24.68 12.95
C THR A 292 33.86 -24.08 11.86
N LEU A 293 33.23 -22.93 12.11
CA LEU A 293 32.27 -22.36 11.16
C LEU A 293 32.92 -21.41 10.18
N ARG A 294 34.20 -21.06 10.35
CA ARG A 294 34.95 -20.42 9.28
C ARG A 294 35.25 -21.38 8.14
N GLU A 295 35.12 -22.69 8.39
CA GLU A 295 34.97 -23.69 7.35
C GLU A 295 33.77 -23.43 6.45
N GLU A 296 33.99 -23.53 5.13
CA GLU A 296 32.95 -23.49 4.10
C GLU A 296 32.20 -22.17 4.11
N ILE A 297 32.59 -21.25 5.00
CA ILE A 297 32.52 -19.84 4.66
C ILE A 297 33.73 -19.48 3.79
N ILE A 298 34.92 -19.84 4.27
CA ILE A 298 36.13 -19.68 3.47
C ILE A 298 36.17 -20.74 2.37
N ALA A 299 35.89 -22.00 2.72
CA ALA A 299 36.06 -23.10 1.77
C ALA A 299 35.05 -23.04 0.62
N SER A 300 33.84 -22.54 0.88
CA SER A 300 32.83 -22.46 -0.17
C SER A 300 33.13 -21.36 -1.18
N GLY A 301 33.83 -20.31 -0.77
CA GLY A 301 34.14 -19.23 -1.70
C GLY A 301 32.94 -18.35 -1.95
N ALA A 302 31.81 -18.72 -1.36
CA ALA A 302 30.61 -17.91 -1.47
C ALA A 302 30.78 -16.60 -0.71
N THR A 303 29.85 -15.69 -0.92
CA THR A 303 29.80 -14.43 -0.18
C THR A 303 28.68 -14.55 0.85
N VAL A 304 29.07 -14.70 2.12
CA VAL A 304 28.13 -14.88 3.21
C VAL A 304 27.75 -13.50 3.74
N PHE A 305 26.48 -13.15 3.60
CA PHE A 305 25.96 -11.91 4.15
C PHE A 305 25.50 -12.16 5.58
N ILE A 306 25.99 -11.35 6.52
CA ILE A 306 25.57 -11.44 7.91
C ILE A 306 24.58 -10.31 8.17
N ARG A 307 23.36 -10.69 8.55
CA ARG A 307 22.30 -9.74 8.83
C ARG A 307 21.97 -9.74 10.31
N PRO A 308 22.02 -8.61 10.98
CA PRO A 308 21.68 -8.55 12.40
C PRO A 308 20.17 -8.58 12.60
N ASP A 309 19.78 -8.93 13.82
CA ASP A 309 18.41 -8.81 14.26
C ASP A 309 18.30 -8.13 15.62
N SER A 310 19.41 -7.67 16.19
CA SER A 310 19.42 -7.01 17.48
C SER A 310 20.42 -5.87 17.44
N GLY A 311 20.15 -4.84 18.24
CA GLY A 311 21.03 -3.70 18.35
C GLY A 311 20.53 -2.50 17.55
N ASP A 312 21.19 -1.36 17.78
CA ASP A 312 20.86 -0.16 17.05
C ASP A 312 21.17 -0.34 15.56
N PRO A 313 20.27 0.08 14.68
CA PRO A 313 20.50 -0.14 13.23
C PRO A 313 21.79 0.48 12.72
N VAL A 314 22.25 1.58 13.31
CA VAL A 314 23.48 2.21 12.84
C VAL A 314 24.71 1.55 13.47
N ASP A 315 24.67 1.28 14.78
CA ASP A 315 25.85 0.77 15.46
C ASP A 315 26.17 -0.66 15.05
N VAL A 316 25.15 -1.53 15.00
CA VAL A 316 25.41 -2.94 14.74
C VAL A 316 26.13 -3.15 13.42
N VAL A 317 25.94 -2.23 12.47
CA VAL A 317 26.66 -2.32 11.21
C VAL A 317 28.16 -2.19 11.45
N GLU A 318 28.57 -1.09 12.10
CA GLU A 318 29.99 -0.91 12.41
C GLU A 318 30.48 -2.01 13.35
N GLN A 319 29.67 -2.39 14.34
CA GLN A 319 30.10 -3.40 15.30
C GLN A 319 30.28 -4.75 14.62
N CYS A 320 29.39 -5.10 13.69
CA CYS A 320 29.57 -6.35 12.97
C CYS A 320 30.78 -6.29 12.04
N LEU A 321 31.01 -5.12 11.42
CA LEU A 321 32.18 -4.96 10.56
C LEU A 321 33.47 -5.22 11.33
N LEU A 322 33.56 -4.68 12.54
CA LEU A 322 34.77 -4.87 13.35
C LEU A 322 34.92 -6.32 13.78
N LEU A 323 33.84 -6.90 14.33
CA LEU A 323 33.87 -8.32 14.69
C LEU A 323 34.25 -9.18 13.48
N LEU A 324 33.59 -8.94 12.35
CA LEU A 324 33.92 -9.69 11.13
C LEU A 324 35.34 -9.38 10.66
N ASP A 325 35.78 -8.12 10.81
CA ASP A 325 37.14 -7.77 10.40
C ASP A 325 38.17 -8.63 11.13
N GLU A 326 37.91 -8.99 12.38
CA GLU A 326 38.82 -9.90 13.07
C GLU A 326 38.64 -11.33 12.59
N ALA A 327 37.39 -11.77 12.47
CA ALA A 327 37.15 -13.16 12.13
C ALA A 327 37.68 -13.53 10.76
N PHE A 328 37.68 -12.59 9.81
CA PHE A 328 38.02 -12.92 8.42
C PHE A 328 39.09 -12.03 7.81
N GLY A 329 39.52 -10.98 8.46
CA GLY A 329 40.53 -10.15 7.84
C GLY A 329 39.99 -9.39 6.65
N HIS A 330 40.88 -8.62 6.01
CA HIS A 330 40.45 -7.68 5.00
C HIS A 330 41.61 -7.38 4.06
N GLN A 331 41.28 -6.65 3.00
CA GLN A 331 42.26 -6.10 2.07
C GLN A 331 41.94 -4.62 1.89
N VAL A 332 42.97 -3.85 1.53
CA VAL A 332 42.84 -2.40 1.40
C VAL A 332 42.85 -2.05 -0.08
N ASN A 333 41.78 -1.40 -0.54
CA ASN A 333 41.56 -1.17 -1.96
C ASN A 333 42.29 0.09 -2.43
N GLY A 334 42.17 0.38 -3.72
CA GLY A 334 42.85 1.53 -4.31
C GLY A 334 42.49 2.84 -3.67
N LYS A 335 41.33 2.92 -3.03
CA LYS A 335 40.96 4.12 -2.31
C LYS A 335 41.52 4.16 -0.89
N GLY A 336 42.11 3.06 -0.42
CA GLY A 336 42.60 2.97 0.93
C GLY A 336 41.60 2.47 1.96
N TYR A 337 40.47 1.93 1.52
CA TYR A 337 39.41 1.47 2.42
C TYR A 337 39.41 -0.06 2.50
N LYS A 338 39.13 -0.56 3.70
CA LYS A 338 39.21 -2.00 3.96
C LYS A 338 37.98 -2.72 3.41
N VAL A 339 38.22 -3.91 2.87
CA VAL A 339 37.16 -4.75 2.29
C VAL A 339 37.28 -6.13 2.90
N LEU A 340 36.25 -6.56 3.62
CA LEU A 340 36.29 -7.84 4.32
C LEU A 340 36.46 -8.99 3.33
N ASN A 341 37.10 -10.06 3.80
CA ASN A 341 37.21 -11.27 3.01
C ASN A 341 35.96 -12.13 3.21
N HIS A 342 35.32 -12.52 2.10
CA HIS A 342 34.18 -13.45 2.09
C HIS A 342 32.88 -12.87 2.64
N VAL A 343 32.93 -12.16 3.75
CA VAL A 343 31.71 -11.78 4.46
C VAL A 343 31.32 -10.36 4.12
N ARG A 344 30.01 -10.10 4.20
CA ARG A 344 29.43 -8.77 4.05
C ARG A 344 28.33 -8.62 5.09
N VAL A 345 27.86 -7.39 5.27
CA VAL A 345 26.82 -7.08 6.24
C VAL A 345 25.58 -6.60 5.52
N PHE A 346 24.42 -7.13 5.91
CA PHE A 346 23.14 -6.74 5.33
C PHE A 346 22.24 -6.22 6.44
N GLN A 347 21.84 -4.95 6.33
CA GLN A 347 20.99 -4.30 7.33
C GLN A 347 19.62 -4.05 6.73
N GLY A 348 18.62 -4.75 7.25
CA GLY A 348 17.26 -4.62 6.75
C GLY A 348 16.31 -3.93 7.69
N ASP A 349 16.72 -3.74 8.95
CA ASP A 349 15.86 -3.15 9.97
C ASP A 349 16.15 -1.66 10.12
N GLY A 350 15.09 -0.86 10.20
CA GLY A 350 15.22 0.55 10.47
C GLY A 350 15.86 1.38 9.38
N ILE A 351 15.93 0.86 8.16
CA ILE A 351 16.59 1.56 7.07
C ILE A 351 15.63 2.58 6.48
N ASN A 352 16.08 3.82 6.41
CA ASN A 352 15.39 4.91 5.73
C ASN A 352 16.47 5.77 5.10
N PRO A 353 16.14 6.68 4.18
CA PRO A 353 17.19 7.51 3.57
C PRO A 353 18.14 8.18 4.56
N GLN A 354 17.65 8.63 5.72
CA GLN A 354 18.53 9.35 6.64
C GLN A 354 19.34 8.40 7.52
N SER A 355 18.73 7.27 7.92
CA SER A 355 19.49 6.29 8.68
C SER A 355 20.53 5.60 7.82
N LEU A 356 20.20 5.32 6.56
CA LEU A 356 21.16 4.75 5.62
C LEU A 356 22.34 5.70 5.42
N ARG A 357 22.06 6.99 5.26
CA ARG A 357 23.14 7.97 5.17
C ARG A 357 23.99 7.96 6.44
N ALA A 358 23.36 7.76 7.60
CA ALA A 358 24.10 7.70 8.85
C ALA A 358 25.07 6.53 8.88
N ILE A 359 24.58 5.33 8.52
CA ILE A 359 25.43 4.14 8.49
C ILE A 359 26.65 4.39 7.61
N LEU A 360 26.43 4.81 6.36
CA LEU A 360 27.54 4.98 5.43
C LEU A 360 28.55 5.99 5.97
N GLU A 361 28.07 7.05 6.62
CA GLU A 361 28.97 8.02 7.23
C GLU A 361 29.83 7.37 8.30
N ARG A 362 29.23 6.54 9.14
CA ARG A 362 29.95 5.95 10.26
C ARG A 362 31.02 4.97 9.81
N ILE A 363 30.65 4.01 8.96
CA ILE A 363 31.54 2.90 8.65
C ILE A 363 32.70 3.37 7.77
N THR A 364 32.47 4.34 6.89
CA THR A 364 33.55 4.82 6.04
C THR A 364 34.55 5.64 6.85
N ALA A 365 34.05 6.45 7.78
CA ALA A 365 34.95 7.15 8.69
C ALA A 365 35.79 6.19 9.51
N ALA A 366 35.23 5.02 9.83
CA ALA A 366 36.00 3.96 10.47
C ALA A 366 37.01 3.32 9.55
N GLY A 367 36.96 3.60 8.25
CA GLY A 367 37.90 3.05 7.31
C GLY A 367 37.40 1.90 6.47
N TYR A 368 36.10 1.60 6.49
CA TYR A 368 35.55 0.49 5.75
C TYR A 368 34.84 0.97 4.50
N ALA A 369 35.14 0.34 3.37
CA ALA A 369 34.53 0.71 2.11
C ALA A 369 33.04 0.38 2.13
N ALA A 370 32.26 1.23 1.45
CA ALA A 370 30.82 1.01 1.36
C ALA A 370 30.49 -0.34 0.75
N ASP A 371 31.44 -0.97 0.05
CA ASP A 371 31.23 -2.31 -0.50
C ASP A 371 30.81 -3.31 0.58
N ASN A 372 31.27 -3.10 1.82
CA ASN A 372 31.09 -4.09 2.86
C ASN A 372 29.63 -4.32 3.24
N VAL A 373 28.77 -3.32 3.01
CA VAL A 373 27.40 -3.35 3.52
C VAL A 373 26.42 -3.30 2.35
N ALA A 374 25.20 -3.79 2.62
CA ALA A 374 24.11 -3.77 1.68
C ALA A 374 22.82 -3.65 2.48
N PHE A 375 21.81 -3.02 1.88
CA PHE A 375 20.64 -2.62 2.63
C PHE A 375 19.37 -3.25 2.09
N GLY A 376 18.40 -3.39 2.97
CA GLY A 376 17.05 -3.76 2.58
C GLY A 376 16.06 -2.80 3.20
N MET A 377 15.06 -2.41 2.41
CA MET A 377 13.98 -1.58 2.89
C MET A 377 12.66 -2.31 2.69
N GLY A 378 11.77 -2.20 3.68
CA GLY A 378 10.48 -2.84 3.60
C GLY A 378 9.33 -1.86 3.49
N GLY A 379 8.68 -1.59 4.63
CA GLY A 379 7.56 -0.66 4.62
C GLY A 379 7.96 0.77 4.33
N ALA A 380 9.18 1.15 4.72
CA ALA A 380 9.67 2.50 4.48
C ALA A 380 9.84 2.81 3.00
N LEU A 381 9.78 1.82 2.13
CA LEU A 381 9.95 1.99 0.70
C LEU A 381 8.66 1.85 -0.08
N LEU A 382 7.84 0.85 0.23
CA LEU A 382 6.62 0.61 -0.53
C LEU A 382 5.36 1.16 0.14
N GLN A 383 5.41 1.44 1.44
CA GLN A 383 4.19 1.77 2.18
C GLN A 383 4.24 3.10 2.91
N LYS A 384 5.37 3.45 3.51
CA LYS A 384 5.46 4.71 4.25
C LYS A 384 5.62 5.89 3.30
N VAL A 385 4.72 5.99 2.33
CA VAL A 385 4.66 7.11 1.39
C VAL A 385 3.19 7.44 1.18
N ASP A 386 2.92 8.71 0.88
CA ASP A 386 1.56 9.18 0.67
C ASP A 386 1.55 10.20 -0.46
N ARG A 387 0.34 10.61 -0.88
CA ARG A 387 0.20 11.56 -1.96
C ARG A 387 0.75 12.94 -1.60
N ASP A 388 0.91 13.23 -0.32
CA ASP A 388 1.52 14.47 0.13
C ASP A 388 3.05 14.40 0.14
N THR A 389 3.62 13.20 0.09
CA THR A 389 5.07 13.04 0.12
C THR A 389 5.73 13.93 -0.92
N GLN A 390 5.19 13.95 -2.13
CA GLN A 390 5.65 14.85 -3.17
C GLN A 390 4.55 15.79 -3.61
N LYS A 391 3.57 16.05 -2.74
CA LYS A 391 2.52 17.04 -2.98
C LYS A 391 1.97 16.93 -4.40
N PHE A 392 1.58 15.72 -4.77
CA PHE A 392 1.26 15.40 -6.16
C PHE A 392 -0.13 15.91 -6.50
N ALA A 393 -0.25 16.62 -7.63
CA ALA A 393 -1.49 17.26 -8.00
C ALA A 393 -1.86 16.95 -9.46
N LEU A 394 -3.16 16.96 -9.72
CA LEU A 394 -3.72 16.93 -11.07
C LEU A 394 -4.70 18.07 -11.17
N LYS A 395 -4.49 18.97 -12.13
CA LYS A 395 -5.24 20.21 -12.19
C LYS A 395 -5.72 20.48 -13.61
N CYS A 396 -6.94 20.98 -13.71
CA CYS A 396 -7.43 21.51 -14.98
C CYS A 396 -6.81 22.88 -15.22
N SER A 397 -6.20 23.06 -16.40
CA SER A 397 -5.57 24.32 -16.71
C SER A 397 -6.23 25.06 -17.86
N ALA A 398 -7.08 24.40 -18.65
CA ALA A 398 -7.70 25.04 -19.79
C ALA A 398 -8.93 24.26 -20.21
N VAL A 399 -9.96 25.00 -20.63
CA VAL A 399 -11.17 24.44 -21.21
C VAL A 399 -11.58 25.31 -22.40
N ARG A 400 -12.19 24.67 -23.40
CA ARG A 400 -12.66 25.38 -24.58
C ARG A 400 -14.17 25.57 -24.45
N VAL A 401 -14.61 26.83 -24.55
CA VAL A 401 -16.02 27.18 -24.38
C VAL A 401 -16.44 27.99 -25.60
N ASP A 402 -17.43 27.49 -26.34
CA ASP A 402 -17.89 28.13 -27.57
C ASP A 402 -16.74 28.32 -28.55
N GLY A 403 -16.00 27.24 -28.79
CA GLY A 403 -14.88 27.27 -29.69
C GLY A 403 -13.67 28.04 -29.21
N ALA A 404 -13.75 28.71 -28.05
CA ALA A 404 -12.68 29.55 -27.55
C ALA A 404 -12.05 28.93 -26.31
N TRP A 405 -10.72 28.85 -26.31
CA TRP A 405 -9.99 28.33 -25.15
C TRP A 405 -9.84 29.40 -24.10
N ILE A 406 -10.11 29.04 -22.84
CA ILE A 406 -9.94 29.94 -21.71
C ILE A 406 -9.11 29.23 -20.66
N ASP A 407 -8.26 29.99 -19.97
CA ASP A 407 -7.39 29.42 -18.96
C ASP A 407 -8.17 29.15 -17.68
N VAL A 408 -7.70 28.19 -16.90
CA VAL A 408 -8.38 27.81 -15.66
C VAL A 408 -7.47 28.07 -14.46
N SER A 420 -0.31 26.69 -10.05
CA SER A 420 0.72 27.57 -10.60
C SER A 420 0.40 27.96 -12.05
N LYS A 421 0.04 26.95 -12.84
CA LYS A 421 0.04 27.05 -14.29
C LYS A 421 -1.37 27.20 -14.84
N ARG A 422 -1.45 27.88 -15.98
CA ARG A 422 -2.70 28.08 -16.70
C ARG A 422 -2.48 27.83 -18.18
N GLY A 423 -3.54 27.46 -18.88
CA GLY A 423 -3.47 27.28 -20.32
C GLY A 423 -3.16 25.85 -20.72
N ARG A 424 -2.79 25.70 -21.98
CA ARG A 424 -2.40 24.41 -22.55
C ARG A 424 -0.89 24.30 -22.51
N LEU A 425 -0.38 23.28 -21.83
CA LEU A 425 1.01 23.27 -21.39
C LEU A 425 1.76 22.05 -21.91
N THR A 426 3.09 22.15 -21.81
CA THR A 426 4.00 21.07 -22.15
C THR A 426 5.27 21.26 -21.31
N LEU A 427 6.20 20.32 -21.46
CA LEU A 427 7.48 20.36 -20.76
C LEU A 427 8.60 20.58 -21.77
N LEU A 428 9.50 21.51 -21.46
CA LEU A 428 10.62 21.84 -22.34
C LEU A 428 11.92 21.49 -21.65
N ARG A 429 12.85 20.89 -22.40
CA ARG A 429 14.20 20.61 -21.91
C ARG A 429 15.19 21.43 -22.73
N ASP A 430 16.07 22.15 -22.04
CA ASP A 430 17.02 23.02 -22.71
C ASP A 430 18.09 22.19 -23.43
N ARG A 431 18.34 22.52 -24.70
CA ARG A 431 19.27 21.73 -25.49
C ARG A 431 20.68 21.76 -24.91
N ALA A 432 21.16 22.94 -24.53
CA ALA A 432 22.51 23.06 -24.01
C ALA A 432 22.64 22.43 -22.63
N THR A 433 21.85 22.90 -21.66
CA THR A 433 22.02 22.47 -20.28
C THR A 433 21.32 21.15 -20.00
N GLY A 434 20.18 20.89 -20.63
CA GLY A 434 19.33 19.79 -20.23
C GLY A 434 18.35 20.11 -19.12
N GLN A 435 18.24 21.38 -18.74
CA GLN A 435 17.31 21.78 -17.69
C GLN A 435 15.86 21.75 -18.20
N TYR A 436 14.93 21.64 -17.25
CA TYR A 436 13.51 21.55 -17.55
C TYR A 436 12.80 22.85 -17.17
N ARG A 437 11.73 23.15 -17.92
CA ARG A 437 10.85 24.26 -17.60
C ARG A 437 9.50 24.03 -18.28
N SER A 438 8.43 24.39 -17.59
CA SER A 438 7.10 24.29 -18.16
C SER A 438 6.82 25.50 -19.04
N ALA A 439 6.06 25.27 -20.11
CA ALA A 439 5.81 26.32 -21.09
C ALA A 439 4.50 26.02 -21.79
N LEU A 440 4.00 27.03 -22.50
CA LEU A 440 2.77 26.90 -23.26
C LEU A 440 3.06 26.27 -24.62
N LEU A 441 2.06 25.57 -25.15
CA LEU A 441 2.22 24.94 -26.46
C LEU A 441 2.55 25.97 -27.54
N ASP A 442 1.99 27.19 -27.41
CA ASP A 442 2.24 28.27 -28.34
C ASP A 442 3.67 28.78 -28.31
N GLU A 443 4.55 28.16 -27.53
CA GLU A 443 5.88 28.69 -27.26
C GLU A 443 6.99 27.71 -27.64
N VAL A 444 6.74 26.82 -28.59
CA VAL A 444 7.81 25.97 -29.08
C VAL A 444 8.42 26.62 -30.32
N ALA A 445 8.42 27.95 -30.33
CA ALA A 445 9.03 28.72 -31.42
C ALA A 445 10.55 28.74 -31.29
N GLY A 449 12.48 26.89 -29.47
CA GLY A 449 13.37 26.93 -30.62
C GLY A 449 14.64 26.13 -30.41
N ASP A 450 15.47 26.55 -29.47
CA ASP A 450 16.60 25.73 -29.03
C ASP A 450 16.27 25.07 -27.70
N SER A 451 15.16 24.35 -27.74
CA SER A 451 14.67 23.49 -26.68
C SER A 451 13.76 22.47 -27.35
N ASP A 452 13.69 21.26 -26.80
CA ASP A 452 12.83 20.23 -27.33
C ASP A 452 11.65 20.00 -26.39
N ASP A 453 10.48 19.70 -26.97
CA ASP A 453 9.34 19.30 -26.16
C ASP A 453 9.69 17.99 -25.46
N ALA A 454 9.83 18.05 -24.14
CA ALA A 454 10.23 16.88 -23.35
C ALA A 454 9.12 15.85 -23.21
N LEU A 455 7.89 16.17 -23.58
CA LEU A 455 6.82 15.18 -23.54
C LEU A 455 6.76 14.39 -24.84
N VAL A 456 6.12 13.23 -24.77
CA VAL A 456 5.81 12.42 -25.93
C VAL A 456 4.37 11.94 -25.79
N THR A 457 3.68 11.82 -26.91
CA THR A 457 2.31 11.32 -26.92
C THR A 457 2.37 9.81 -26.75
N VAL A 458 1.95 9.33 -25.58
CA VAL A 458 2.09 7.91 -25.25
C VAL A 458 0.78 7.16 -25.47
N TRP A 459 -0.35 7.86 -25.36
CA TRP A 459 -1.65 7.23 -25.39
C TRP A 459 -2.65 8.17 -26.04
N GLU A 460 -3.38 7.67 -27.03
CA GLU A 460 -4.37 8.48 -27.74
C GLU A 460 -5.44 7.58 -28.32
N ASN A 461 -6.68 7.78 -27.89
CA ASN A 461 -7.86 7.15 -28.50
C ASN A 461 -7.74 5.63 -28.57
N GLY A 462 -7.34 5.03 -27.44
CA GLY A 462 -7.25 3.59 -27.33
C GLY A 462 -5.91 3.00 -27.73
N GLN A 463 -5.05 3.77 -28.38
CA GLN A 463 -3.74 3.29 -28.80
C GLN A 463 -2.68 3.80 -27.83
N MET A 464 -1.86 2.89 -27.31
CA MET A 464 -0.66 3.28 -26.59
C MET A 464 0.46 3.53 -27.60
N LEU A 465 0.76 4.79 -27.84
CA LEU A 465 1.66 5.15 -28.92
C LEU A 465 3.13 4.94 -28.57
N ARG A 466 3.51 5.07 -27.30
CA ARG A 466 4.88 4.83 -26.88
C ARG A 466 4.90 3.89 -25.69
N GLU A 467 5.76 2.88 -25.75
CA GLU A 467 6.04 1.99 -24.64
C GLU A 467 7.53 1.95 -24.38
N TRP A 468 7.90 1.66 -23.14
CA TRP A 468 9.29 1.59 -22.73
C TRP A 468 9.59 0.24 -22.10
N THR A 469 10.74 -0.32 -22.43
CA THR A 469 11.30 -1.39 -21.64
C THR A 469 11.87 -0.82 -20.35
N LEU A 470 11.82 -1.62 -19.28
CA LEU A 470 12.36 -1.17 -18.00
C LEU A 470 13.81 -0.73 -18.14
N GLU A 471 14.56 -1.36 -19.04
CA GLU A 471 15.94 -0.95 -19.29
C GLU A 471 16.01 0.43 -19.92
N GLN A 472 15.05 0.76 -20.80
CA GLN A 472 14.95 2.14 -21.26
C GLN A 472 14.64 3.07 -20.09
N VAL A 473 13.76 2.62 -19.20
CA VAL A 473 13.44 3.40 -18.01
C VAL A 473 14.66 3.49 -17.10
N ARG A 474 15.36 2.38 -16.93
CA ARG A 474 16.58 2.37 -16.11
C ARG A 474 17.63 3.31 -16.67
N ALA A 475 17.69 3.45 -18.01
CA ALA A 475 18.73 4.26 -18.62
C ALA A 475 18.50 5.74 -18.37
N HIS A 476 17.27 6.21 -18.53
CA HIS A 476 16.95 7.60 -18.25
C HIS A 476 17.22 7.95 -16.80
N ALA A 477 16.84 7.08 -15.87
CA ALA A 477 17.00 7.40 -14.45
C ALA A 477 18.46 7.39 -14.03
N ASP A 478 19.25 6.46 -14.57
CA ASP A 478 20.64 6.35 -14.17
C ASP A 478 21.47 7.55 -14.61
N ALA A 479 21.05 8.27 -15.65
CA ALA A 479 21.82 9.41 -16.12
C ALA A 479 21.68 10.61 -15.20
N ALA A 480 20.53 10.75 -14.54
CA ALA A 480 20.33 11.89 -13.64
C ALA A 480 21.15 11.70 -12.37
N ARG A 481 21.68 12.81 -11.86
CA ARG A 481 22.56 12.78 -10.69
C ARG A 481 22.18 13.91 -9.73
N LEU A 482 22.83 13.86 -8.56
CA LEU A 482 22.75 14.79 -7.40
C LEU A 482 22.01 14.11 -6.24
N MET B 15 -4.05 -7.61 -14.37
CA MET B 15 -4.90 -8.52 -13.61
C MET B 15 -4.45 -9.98 -13.74
N HIS B 16 -4.48 -10.53 -14.96
CA HIS B 16 -4.18 -11.94 -15.17
C HIS B 16 -2.69 -12.25 -15.06
N TYR B 17 -1.82 -11.25 -15.21
CA TYR B 17 -0.39 -11.49 -15.10
C TYR B 17 0.05 -11.80 -13.68
N LEU B 18 -0.82 -11.61 -12.69
CA LEU B 18 -0.50 -11.94 -11.31
C LEU B 18 -1.08 -13.29 -10.88
N ASP B 19 -1.74 -14.00 -11.79
CA ASP B 19 -2.42 -15.26 -11.48
C ASP B 19 -1.43 -16.42 -11.37
N ASN B 20 -0.59 -16.34 -10.35
CA ASN B 20 0.28 -17.47 -9.99
C ASN B 20 0.55 -17.35 -8.50
N LEU B 21 -0.16 -18.18 -7.72
CA LEU B 21 -0.01 -18.15 -6.27
C LEU B 21 1.42 -18.47 -5.85
N LEU B 22 2.07 -19.38 -6.59
CA LEU B 22 3.42 -19.80 -6.23
C LEU B 22 4.42 -18.65 -6.30
N LEU B 23 4.10 -17.58 -7.02
CA LEU B 23 4.95 -16.40 -7.10
C LEU B 23 4.42 -15.23 -6.28
N ASN B 24 3.49 -15.49 -5.37
CA ASN B 24 2.92 -14.46 -4.51
C ASN B 24 3.50 -14.61 -3.11
N THR B 25 4.80 -14.37 -3.01
CA THR B 25 5.53 -14.49 -1.75
C THR B 25 6.82 -13.72 -1.88
N ASP B 26 7.58 -13.67 -0.78
CA ASP B 26 8.92 -13.13 -0.82
C ASP B 26 9.86 -14.12 -1.51
N SER B 27 10.84 -13.59 -2.23
CA SER B 27 11.72 -14.43 -3.05
C SER B 27 12.40 -15.51 -2.21
N TYR B 28 12.96 -15.12 -1.06
CA TYR B 28 13.68 -16.09 -0.24
C TYR B 28 12.77 -17.18 0.31
N LYS B 29 11.45 -17.01 0.24
CA LYS B 29 10.54 -18.06 0.70
C LYS B 29 10.54 -19.26 -0.24
N ALA B 30 10.88 -19.06 -1.52
CA ALA B 30 10.89 -20.16 -2.47
C ALA B 30 11.91 -21.22 -2.07
N SER B 31 12.96 -20.83 -1.36
CA SER B 31 14.02 -21.72 -0.92
C SER B 31 14.02 -21.91 0.58
N HIS B 32 12.88 -21.66 1.24
CA HIS B 32 12.86 -21.66 2.69
C HIS B 32 12.75 -23.06 3.30
N TRP B 33 12.10 -23.99 2.59
CA TRP B 33 11.88 -25.32 3.16
C TRP B 33 13.19 -26.06 3.42
N LEU B 34 14.27 -25.67 2.73
CA LEU B 34 15.57 -26.29 2.97
C LEU B 34 16.20 -25.87 4.28
N GLN B 35 15.60 -24.92 5.00
CA GLN B 35 16.18 -24.42 6.23
C GLN B 35 15.68 -25.16 7.47
N TYR B 36 14.61 -25.95 7.35
CA TYR B 36 14.07 -26.66 8.49
C TYR B 36 15.02 -27.77 8.94
N PRO B 37 15.05 -28.07 10.23
CA PRO B 37 15.80 -29.23 10.70
C PRO B 37 15.21 -30.50 10.14
N PRO B 38 16.00 -31.57 10.03
CA PRO B 38 15.45 -32.83 9.53
C PRO B 38 14.35 -33.35 10.44
N GLY B 39 13.39 -34.05 9.84
CA GLY B 39 12.31 -34.66 10.60
C GLY B 39 11.14 -33.77 10.91
N THR B 40 11.06 -32.59 10.31
CA THR B 40 9.95 -31.68 10.54
C THR B 40 8.74 -32.10 9.72
N ASP B 41 7.56 -32.07 10.33
CA ASP B 41 6.34 -32.45 9.64
C ASP B 41 5.14 -31.60 10.01
N ALA B 42 5.32 -30.50 10.74
CA ALA B 42 4.22 -29.60 11.07
C ALA B 42 4.76 -28.27 11.53
N SER B 43 4.00 -27.21 11.27
CA SER B 43 4.36 -25.87 11.72
C SER B 43 3.09 -25.13 12.15
N PHE B 44 3.26 -24.22 13.10
CA PHE B 44 2.14 -23.49 13.67
C PHE B 44 2.51 -22.02 13.79
N PHE B 45 1.69 -21.14 13.22
CA PHE B 45 1.93 -19.72 13.24
C PHE B 45 0.72 -19.00 13.80
N TYR B 46 0.95 -17.81 14.37
CA TYR B 46 -0.12 -16.97 14.88
C TYR B 46 0.13 -15.53 14.44
N VAL B 47 -0.91 -14.71 14.58
CA VAL B 47 -0.91 -13.33 14.09
C VAL B 47 -1.43 -12.44 15.21
N GLU B 48 -0.64 -11.43 15.58
CA GLU B 48 -1.02 -10.52 16.66
C GLU B 48 -0.54 -9.12 16.35
N SER B 49 -1.20 -8.14 16.97
CA SER B 49 -0.76 -6.75 16.98
C SER B 49 -0.01 -6.50 18.27
N ARG B 50 1.30 -6.28 18.18
CA ARG B 50 2.14 -6.12 19.37
C ARG B 50 1.91 -4.79 20.10
N GLY B 51 0.97 -3.97 19.66
CA GLY B 51 0.77 -2.66 20.26
C GLY B 51 0.69 -1.58 19.21
N GLY B 52 1.12 -0.35 19.56
CA GLY B 52 1.17 0.74 18.61
C GLY B 52 0.23 1.87 19.00
N VAL B 53 -0.42 2.44 17.97
CA VAL B 53 -1.21 3.66 18.19
C VAL B 53 -2.38 3.38 19.12
N TYR B 54 -3.14 2.32 18.85
CA TYR B 54 -4.34 2.03 19.62
C TYR B 54 -4.17 0.72 20.39
N ASP B 55 -5.05 0.53 21.38
CA ASP B 55 -4.99 -0.61 22.27
C ASP B 55 -5.86 -1.78 21.81
N GLN B 56 -6.61 -1.60 20.73
CA GLN B 56 -7.47 -2.66 20.22
C GLN B 56 -7.58 -2.51 18.71
N THR B 57 -7.78 -3.64 18.02
CA THR B 57 -7.85 -3.68 16.57
C THR B 57 -9.10 -4.41 16.13
N ALA B 58 -9.78 -3.84 15.14
CA ALA B 58 -10.97 -4.46 14.56
C ALA B 58 -10.50 -5.40 13.46
N PHE B 59 -10.63 -6.70 13.70
CA PHE B 59 -10.16 -7.67 12.73
C PHE B 59 -11.09 -7.72 11.53
N PHE B 60 -10.51 -7.60 10.34
CA PHE B 60 -11.24 -7.60 9.07
C PHE B 60 -10.24 -7.73 7.94
N GLY B 61 -10.65 -8.46 6.88
CA GLY B 61 -9.92 -8.50 5.63
C GLY B 61 -9.50 -9.89 5.20
N LEU B 62 -9.21 -10.77 6.16
CA LEU B 62 -8.67 -12.09 5.83
C LEU B 62 -9.54 -12.81 4.81
N GLN B 63 -10.86 -12.63 4.90
CA GLN B 63 -11.78 -13.31 3.99
C GLN B 63 -11.57 -12.82 2.56
N SER B 64 -11.48 -11.50 2.38
CA SER B 64 -11.19 -10.96 1.05
C SER B 64 -9.85 -11.47 0.55
N ILE B 65 -8.85 -11.54 1.43
CA ILE B 65 -7.53 -12.00 1.03
C ILE B 65 -7.59 -13.44 0.53
N LEU B 66 -8.21 -14.32 1.32
CA LEU B 66 -8.25 -15.72 0.95
C LEU B 66 -9.07 -15.95 -0.32
N LYS B 67 -10.16 -15.19 -0.50
CA LYS B 67 -10.96 -15.33 -1.71
C LYS B 67 -10.15 -14.98 -2.95
N GLU B 68 -9.30 -13.96 -2.85
CA GLU B 68 -8.59 -13.46 -4.03
C GLU B 68 -7.20 -14.09 -4.19
N ALA B 69 -6.44 -14.24 -3.10
CA ALA B 69 -5.10 -14.80 -3.22
C ALA B 69 -5.13 -16.30 -3.44
N ILE B 70 -6.11 -17.01 -2.89
CA ILE B 70 -6.21 -18.46 -3.05
C ILE B 70 -7.55 -18.82 -3.69
N ASN B 71 -7.69 -18.54 -4.98
CA ASN B 71 -8.97 -18.63 -5.67
C ASN B 71 -9.11 -19.87 -6.53
N ARG B 72 -8.07 -20.69 -6.63
CA ARG B 72 -8.13 -21.90 -7.45
C ARG B 72 -7.00 -22.82 -7.03
N PRO B 73 -7.09 -24.11 -7.33
CA PRO B 73 -5.99 -25.02 -7.00
C PRO B 73 -4.75 -24.70 -7.81
N VAL B 74 -3.59 -25.00 -7.22
CA VAL B 74 -2.33 -24.85 -7.93
C VAL B 74 -2.25 -25.89 -9.03
N THR B 75 -1.79 -25.47 -10.20
CA THR B 75 -1.69 -26.35 -11.37
C THR B 75 -0.23 -26.63 -11.69
N HIS B 76 -0.02 -27.58 -12.60
CA HIS B 76 1.34 -27.88 -13.02
C HIS B 76 1.93 -26.74 -13.86
N ALA B 77 1.08 -25.99 -14.57
CA ALA B 77 1.57 -24.81 -15.27
C ALA B 77 2.13 -23.78 -14.29
N ASP B 78 1.49 -23.65 -13.13
CA ASP B 78 2.00 -22.77 -12.09
C ASP B 78 3.43 -23.15 -11.70
N ILE B 79 3.66 -24.43 -11.44
CA ILE B 79 4.99 -24.91 -11.07
C ILE B 79 5.96 -24.67 -12.21
N ASP B 80 5.56 -25.00 -13.44
CA ASP B 80 6.40 -24.80 -14.61
C ASP B 80 6.87 -23.36 -14.72
N ASP B 81 5.93 -22.41 -14.69
CA ASP B 81 6.28 -21.01 -14.84
C ASP B 81 7.15 -20.53 -13.68
N ALA B 82 6.84 -20.97 -12.45
CA ALA B 82 7.60 -20.51 -11.30
C ALA B 82 9.01 -21.07 -11.30
N LYS B 83 9.15 -22.36 -11.63
CA LYS B 83 10.48 -22.97 -11.70
C LYS B 83 11.39 -22.23 -12.67
N ALA B 84 10.82 -21.77 -13.79
CA ALA B 84 11.63 -21.04 -14.76
C ALA B 84 12.10 -19.71 -14.20
N LEU B 85 11.16 -18.89 -13.73
CA LEU B 85 11.50 -17.55 -13.24
C LEU B 85 12.42 -17.62 -12.03
N LEU B 86 12.05 -18.44 -11.04
CA LEU B 86 12.84 -18.49 -9.80
C LEU B 86 14.26 -18.96 -10.05
N ALA B 87 14.45 -19.84 -11.03
CA ALA B 87 15.79 -20.21 -11.47
C ALA B 87 16.57 -18.97 -11.93
N ALA B 88 16.04 -18.30 -12.97
CA ALA B 88 16.69 -17.09 -13.47
C ALA B 88 16.86 -16.05 -12.39
N HIS B 89 15.95 -16.01 -11.42
CA HIS B 89 15.95 -14.97 -10.40
C HIS B 89 16.98 -15.22 -9.32
N GLY B 90 17.33 -16.48 -9.06
CA GLY B 90 18.40 -16.79 -8.13
C GLY B 90 17.97 -17.53 -6.89
N GLU B 91 16.84 -18.25 -6.97
CA GLU B 91 16.27 -18.95 -5.80
C GLU B 91 16.04 -20.42 -6.12
N PRO B 92 16.48 -21.33 -5.26
CA PRO B 92 16.06 -22.74 -5.38
C PRO B 92 14.57 -22.87 -5.12
N PHE B 93 13.93 -23.78 -5.84
CA PHE B 93 12.48 -23.89 -5.86
C PHE B 93 12.09 -25.35 -5.69
N ASN B 94 11.23 -25.63 -4.70
CA ASN B 94 10.83 -27.00 -4.37
C ASN B 94 9.84 -27.50 -5.42
N GLU B 95 10.38 -27.89 -6.58
CA GLU B 95 9.54 -28.45 -7.64
C GLU B 95 8.90 -29.76 -7.19
N ALA B 96 9.63 -30.58 -6.44
CA ALA B 96 9.09 -31.86 -5.99
C ALA B 96 7.90 -31.66 -5.05
N GLY B 97 8.06 -30.77 -4.07
CA GLY B 97 7.00 -30.58 -3.09
C GLY B 97 5.73 -30.01 -3.70
N TRP B 98 5.88 -29.08 -4.63
CA TRP B 98 4.70 -28.45 -5.25
C TRP B 98 4.01 -29.40 -6.21
N ARG B 99 4.77 -30.13 -7.03
CA ARG B 99 4.15 -31.15 -7.86
C ARG B 99 3.46 -32.21 -7.00
N ASP B 100 4.04 -32.52 -5.84
CA ASP B 100 3.37 -33.45 -4.92
C ASP B 100 2.04 -32.88 -4.44
N ILE B 101 1.96 -31.57 -4.25
CA ILE B 101 0.70 -30.95 -3.84
C ILE B 101 -0.33 -31.04 -4.97
N VAL B 102 0.10 -30.79 -6.21
CA VAL B 102 -0.83 -30.86 -7.33
C VAL B 102 -1.36 -32.27 -7.50
N ASP B 103 -0.48 -33.27 -7.39
CA ASP B 103 -0.88 -34.63 -7.71
C ASP B 103 -1.55 -35.33 -6.53
N ARG B 104 -0.95 -35.24 -5.34
CA ARG B 104 -1.45 -35.97 -4.19
C ARG B 104 -2.62 -35.25 -3.53
N LEU B 105 -2.46 -33.97 -3.25
CA LEU B 105 -3.48 -33.17 -2.57
C LEU B 105 -4.33 -32.37 -3.55
N GLY B 106 -4.32 -32.73 -4.83
CA GLY B 106 -5.17 -32.08 -5.81
C GLY B 106 -4.97 -30.58 -5.92
N GLY B 107 -3.77 -30.09 -5.65
CA GLY B 107 -3.49 -28.67 -5.75
C GLY B 107 -4.15 -27.79 -4.70
N GLN B 108 -4.69 -28.37 -3.63
CA GLN B 108 -5.32 -27.61 -2.55
C GLN B 108 -4.31 -27.45 -1.41
N LEU B 109 -4.06 -26.21 -1.02
CA LEU B 109 -3.04 -25.94 0.00
C LEU B 109 -3.38 -26.63 1.32
N PRO B 110 -2.49 -27.49 1.85
CA PRO B 110 -2.75 -28.21 3.12
C PRO B 110 -2.45 -27.36 4.35
N ILE B 111 -3.32 -26.39 4.62
CA ILE B 111 -3.20 -25.51 5.77
C ILE B 111 -4.58 -25.34 6.39
N ARG B 112 -4.59 -25.03 7.69
CA ARG B 112 -5.82 -24.69 8.40
C ARG B 112 -5.68 -23.31 9.01
N ILE B 113 -6.62 -22.42 8.69
CA ILE B 113 -6.61 -21.05 9.18
C ILE B 113 -7.80 -20.87 10.12
N ARG B 114 -7.52 -20.49 11.36
CA ARG B 114 -8.54 -20.10 12.32
C ARG B 114 -8.37 -18.62 12.63
N ALA B 115 -9.49 -17.95 12.90
CA ALA B 115 -9.44 -16.50 13.09
C ALA B 115 -10.65 -16.05 13.90
N VAL B 116 -10.46 -14.93 14.59
CA VAL B 116 -11.56 -14.25 15.29
C VAL B 116 -12.56 -13.75 14.25
N PRO B 117 -13.87 -13.77 14.51
CA PRO B 117 -14.83 -13.36 13.49
C PRO B 117 -14.56 -11.94 12.99
N GLU B 118 -14.58 -11.78 11.68
CA GLU B 118 -14.25 -10.49 11.08
C GLU B 118 -15.26 -9.45 11.52
N GLY B 119 -14.76 -8.40 12.16
CA GLY B 119 -15.58 -7.38 12.80
C GLY B 119 -15.34 -7.28 14.29
N CYS B 120 -14.84 -8.33 14.91
CA CYS B 120 -14.59 -8.28 16.35
C CYS B 120 -13.43 -7.35 16.63
N VAL B 121 -13.57 -6.53 17.66
CA VAL B 121 -12.53 -5.62 18.11
C VAL B 121 -11.83 -6.27 19.30
N VAL B 122 -10.56 -6.61 19.12
CA VAL B 122 -9.81 -7.38 20.12
C VAL B 122 -8.65 -6.53 20.61
N PRO B 123 -8.36 -6.51 21.91
CA PRO B 123 -7.20 -5.74 22.38
C PRO B 123 -5.90 -6.30 21.83
N THR B 124 -4.90 -5.43 21.76
CA THR B 124 -3.60 -5.83 21.22
C THR B 124 -2.94 -6.86 22.13
N HIS B 125 -1.87 -7.48 21.61
CA HIS B 125 -1.13 -8.55 22.29
C HIS B 125 -1.98 -9.81 22.43
N ASN B 126 -2.88 -10.06 21.48
CA ASN B 126 -3.74 -11.23 21.53
C ASN B 126 -3.73 -11.96 20.19
N VAL B 127 -3.91 -13.27 20.25
CA VAL B 127 -3.95 -14.11 19.06
C VAL B 127 -5.19 -13.78 18.25
N LEU B 128 -4.99 -13.29 17.01
CA LEU B 128 -6.09 -13.02 16.10
C LEU B 128 -6.29 -14.11 15.05
N MET B 129 -5.20 -14.72 14.59
CA MET B 129 -5.23 -15.81 13.62
C MET B 129 -4.28 -16.91 14.07
N THR B 130 -4.53 -18.12 13.59
CA THR B 130 -3.54 -19.18 13.63
C THR B 130 -3.51 -19.87 12.28
N ILE B 131 -2.31 -20.18 11.81
CA ILE B 131 -2.12 -20.99 10.61
C ILE B 131 -1.32 -22.21 11.01
N GLU B 132 -1.84 -23.39 10.66
CA GLU B 132 -1.21 -24.64 11.01
C GLU B 132 -1.22 -25.58 9.81
N SER B 133 -0.10 -26.26 9.60
CA SER B 133 0.01 -27.22 8.50
C SER B 133 -0.82 -28.46 8.79
N THR B 134 -1.43 -29.02 7.74
CA THR B 134 -2.27 -30.20 7.86
C THR B 134 -1.68 -31.41 7.13
N ASP B 135 -0.45 -31.30 6.64
CA ASP B 135 0.19 -32.39 5.92
C ASP B 135 1.63 -32.50 6.40
N ALA B 136 2.10 -33.74 6.55
CA ALA B 136 3.46 -33.95 7.03
C ALA B 136 4.50 -33.63 5.96
N LYS B 137 4.20 -33.94 4.69
CA LYS B 137 5.16 -33.69 3.63
C LYS B 137 5.28 -32.21 3.33
N ALA B 138 4.16 -31.54 3.11
CA ALA B 138 4.13 -30.11 2.79
C ALA B 138 3.90 -29.26 4.04
N PHE B 139 4.61 -29.60 5.12
CA PHE B 139 4.52 -28.85 6.37
C PHE B 139 4.95 -27.40 6.22
N TRP B 140 5.76 -27.10 5.21
CA TRP B 140 6.38 -25.80 5.03
C TRP B 140 5.46 -24.78 4.38
N VAL B 141 4.24 -25.17 4.00
CA VAL B 141 3.37 -24.27 3.25
C VAL B 141 2.98 -23.03 4.04
N PRO B 142 2.70 -23.10 5.35
CA PRO B 142 2.41 -21.86 6.09
C PRO B 142 3.44 -20.74 5.90
N SER B 143 4.73 -21.03 6.09
CA SER B 143 5.74 -19.97 5.92
C SER B 143 5.71 -19.43 4.51
N TYR B 144 5.51 -20.29 3.51
CA TYR B 144 5.43 -19.84 2.13
C TYR B 144 4.36 -18.78 1.96
N LEU B 145 3.24 -18.92 2.67
CA LEU B 145 2.10 -18.01 2.58
C LEU B 145 2.16 -16.85 3.56
N GLU B 146 3.22 -16.76 4.37
CA GLU B 146 3.31 -15.67 5.33
C GLU B 146 3.19 -14.32 4.67
N THR B 147 3.85 -14.16 3.51
CA THR B 147 3.94 -12.84 2.88
C THR B 147 2.57 -12.27 2.57
N LEU B 148 1.74 -13.03 1.86
CA LEU B 148 0.44 -12.50 1.46
C LEU B 148 -0.54 -12.46 2.63
N LEU B 149 -0.38 -13.35 3.61
CA LEU B 149 -1.28 -13.34 4.76
C LEU B 149 -0.98 -12.17 5.69
N LEU B 150 0.29 -11.84 5.88
CA LEU B 150 0.64 -10.74 6.76
C LEU B 150 0.12 -9.41 6.24
N ARG B 151 -0.19 -9.31 4.95
CA ARG B 151 -0.78 -8.11 4.40
C ARG B 151 -2.21 -7.89 4.87
N VAL B 152 -2.74 -8.76 5.73
CA VAL B 152 -3.99 -8.45 6.40
C VAL B 152 -3.83 -7.33 7.41
N TRP B 153 -2.59 -6.94 7.71
CA TRP B 153 -2.38 -5.75 8.54
C TRP B 153 -3.12 -4.55 7.98
N TYR B 154 -3.20 -4.45 6.64
CA TYR B 154 -3.74 -3.23 6.04
C TYR B 154 -5.24 -3.10 6.24
N PRO B 155 -6.07 -4.07 5.82
CA PRO B 155 -7.49 -3.93 6.13
C PRO B 155 -7.76 -3.87 7.62
N VAL B 156 -7.03 -4.63 8.43
CA VAL B 156 -7.18 -4.54 9.88
C VAL B 156 -6.92 -3.11 10.36
N THR B 157 -5.84 -2.51 9.87
CA THR B 157 -5.43 -1.21 10.39
C THR B 157 -6.40 -0.11 9.96
N VAL B 158 -6.86 -0.16 8.71
CA VAL B 158 -7.82 0.83 8.24
C VAL B 158 -9.14 0.68 8.98
N ALA B 159 -9.59 -0.56 9.18
CA ALA B 159 -10.84 -0.79 9.92
C ALA B 159 -10.71 -0.28 11.34
N THR B 160 -9.54 -0.44 11.95
CA THR B 160 -9.33 0.08 13.29
C THR B 160 -9.43 1.61 13.30
N VAL B 161 -8.81 2.26 12.31
CA VAL B 161 -8.86 3.71 12.24
C VAL B 161 -10.30 4.19 12.11
N SER B 162 -11.03 3.65 11.13
CA SER B 162 -12.43 4.03 10.96
C SER B 162 -13.25 3.73 12.22
N TRP B 163 -12.90 2.66 12.94
CA TRP B 163 -13.62 2.31 14.16
C TRP B 163 -13.27 3.27 15.29
N GLN B 164 -11.99 3.61 15.43
CA GLN B 164 -11.58 4.54 16.49
C GLN B 164 -12.22 5.90 16.28
N VAL B 165 -12.33 6.34 15.02
CA VAL B 165 -13.02 7.59 14.72
C VAL B 165 -14.50 7.49 15.05
N LYS B 166 -15.09 6.33 14.79
CA LYS B 166 -16.50 6.13 15.12
C LYS B 166 -16.75 6.31 16.61
N GLN B 167 -15.83 5.83 17.45
CA GLN B 167 -15.99 5.97 18.88
C GLN B 167 -15.90 7.42 19.33
N ILE B 168 -15.12 8.24 18.61
CA ILE B 168 -15.05 9.66 18.96
C ILE B 168 -16.38 10.35 18.65
N VAL B 169 -16.93 10.08 17.47
CA VAL B 169 -18.18 10.73 17.08
C VAL B 169 -19.35 10.18 17.88
N ARG B 170 -19.33 8.87 18.18
CA ARG B 170 -20.37 8.30 19.03
C ARG B 170 -20.41 8.99 20.38
N ASP B 171 -19.23 9.30 20.94
CA ASP B 171 -19.18 10.03 22.20
C ASP B 171 -19.91 11.35 22.10
N PHE B 172 -19.61 12.14 21.07
CA PHE B 172 -20.17 13.48 20.98
C PHE B 172 -21.63 13.46 20.55
N LEU B 173 -22.02 12.51 19.69
CA LEU B 173 -23.44 12.38 19.36
C LEU B 173 -24.25 12.02 20.60
N GLN B 174 -23.73 11.13 21.44
CA GLN B 174 -24.43 10.78 22.67
C GLN B 174 -24.58 11.97 23.59
N ARG B 175 -23.65 12.93 23.51
CA ARG B 175 -23.74 14.10 24.37
C ARG B 175 -24.68 15.16 23.82
N THR B 176 -24.75 15.31 22.50
CA THR B 176 -25.39 16.47 21.90
C THR B 176 -26.52 16.15 20.91
N SER B 177 -26.76 14.89 20.57
CA SER B 177 -27.73 14.55 19.54
C SER B 177 -28.92 13.79 20.13
N ASP B 178 -30.12 14.09 19.63
CA ASP B 178 -31.33 13.38 20.01
C ASP B 178 -31.47 12.04 19.32
N ASP B 179 -30.55 11.70 18.41
CA ASP B 179 -30.59 10.41 17.70
C ASP B 179 -29.16 10.05 17.32
N PRO B 180 -28.34 9.67 18.30
CA PRO B 180 -26.92 9.44 18.05
C PRO B 180 -26.68 8.29 17.07
N GLU B 181 -27.31 7.15 17.33
CA GLU B 181 -27.06 5.97 16.52
C GLU B 181 -27.70 6.05 15.14
N GLY B 182 -28.63 6.96 14.93
CA GLY B 182 -29.13 7.22 13.59
C GLY B 182 -28.21 8.16 12.85
N GLN B 183 -27.71 9.18 13.56
CA GLN B 183 -26.81 10.15 12.95
C GLN B 183 -25.45 9.55 12.64
N LEU B 184 -24.99 8.63 13.49
CA LEU B 184 -23.59 8.17 13.44
C LEU B 184 -23.17 7.58 12.10
N PRO B 185 -23.92 6.66 11.47
CA PRO B 185 -23.39 5.98 10.27
C PRO B 185 -23.12 6.89 9.09
N PHE B 186 -23.45 8.18 9.16
CA PHE B 186 -23.24 9.11 8.06
C PHE B 186 -22.25 10.22 8.40
N LYS B 187 -21.39 10.01 9.39
CA LYS B 187 -20.51 11.08 9.86
C LYS B 187 -19.10 10.98 9.31
N LEU B 188 -18.72 9.87 8.69
CA LEU B 188 -17.39 9.72 8.09
C LEU B 188 -17.54 9.15 6.68
N PHE B 189 -17.12 9.92 5.68
CA PHE B 189 -17.11 9.47 4.29
C PHE B 189 -15.67 9.25 3.85
N ASP B 190 -15.43 8.14 3.16
CA ASP B 190 -14.11 7.83 2.62
C ASP B 190 -14.00 8.39 1.21
N PHE B 191 -13.08 9.32 1.02
CA PHE B 191 -12.79 9.92 -0.28
C PHE B 191 -11.40 9.53 -0.80
N GLY B 192 -10.81 8.46 -0.25
CA GLY B 192 -9.40 8.21 -0.43
C GLY B 192 -8.99 7.46 -1.68
N ALA B 193 -9.87 7.37 -2.69
CA ALA B 193 -9.55 6.56 -3.85
C ALA B 193 -8.37 7.13 -4.63
N ARG B 194 -8.27 8.46 -4.69
CA ARG B 194 -7.18 9.09 -5.42
C ARG B 194 -5.87 9.14 -4.64
N GLY B 195 -5.93 9.02 -3.31
CA GLY B 195 -4.73 9.15 -2.50
C GLY B 195 -4.17 7.84 -1.98
N VAL B 196 -4.59 6.73 -2.59
CA VAL B 196 -4.19 5.39 -2.17
C VAL B 196 -3.25 4.81 -3.22
N SER B 197 -2.48 3.80 -2.82
CA SER B 197 -1.36 3.32 -3.63
C SER B 197 -1.78 2.52 -4.86
N SER B 198 -2.96 1.92 -4.88
CA SER B 198 -3.37 1.14 -6.05
C SER B 198 -4.88 0.93 -6.01
N LEU B 199 -5.39 0.32 -7.08
CA LEU B 199 -6.83 0.09 -7.16
C LEU B 199 -7.28 -0.92 -6.13
N GLY B 200 -6.55 -2.03 -6.01
CA GLY B 200 -6.91 -3.04 -5.03
C GLY B 200 -6.88 -2.51 -3.61
N SER B 201 -5.90 -1.66 -3.30
CA SER B 201 -5.86 -1.05 -1.98
C SER B 201 -7.06 -0.14 -1.75
N ALA B 202 -7.51 0.55 -2.80
CA ALA B 202 -8.71 1.37 -2.66
C ALA B 202 -9.92 0.51 -2.34
N ALA B 203 -10.08 -0.61 -3.05
CA ALA B 203 -11.19 -1.51 -2.80
C ALA B 203 -11.14 -2.07 -1.37
N LEU B 204 -10.07 -2.80 -1.06
CA LEU B 204 -9.98 -3.46 0.25
C LEU B 204 -9.97 -2.43 1.38
N GLY B 205 -9.11 -1.42 1.27
CA GLY B 205 -9.06 -0.40 2.31
C GLY B 205 -10.37 0.35 2.44
N GLY B 206 -10.95 0.75 1.30
CA GLY B 206 -12.27 1.35 1.33
C GLY B 206 -13.32 0.46 1.95
N ALA B 207 -13.20 -0.86 1.74
CA ALA B 207 -14.10 -1.80 2.39
C ALA B 207 -13.91 -1.78 3.90
N ALA B 208 -12.65 -1.66 4.35
CA ALA B 208 -12.39 -1.60 5.78
C ALA B 208 -13.10 -0.40 6.41
N HIS B 209 -13.16 0.72 5.70
CA HIS B 209 -13.93 1.84 6.22
C HIS B 209 -15.42 1.49 6.32
N LEU B 210 -15.94 0.76 5.33
CA LEU B 210 -17.36 0.43 5.33
C LEU B 210 -17.75 -0.50 6.46
N VAL B 211 -16.78 -1.02 7.22
CA VAL B 211 -17.10 -1.81 8.40
C VAL B 211 -17.80 -0.95 9.44
N ASN B 212 -17.53 0.37 9.45
CA ASN B 212 -17.99 1.26 10.51
C ASN B 212 -18.98 2.31 10.05
N PHE B 213 -19.07 2.60 8.75
CA PHE B 213 -19.88 3.70 8.26
C PHE B 213 -20.54 3.29 6.95
N LEU B 214 -21.57 4.05 6.58
CA LEU B 214 -22.31 3.82 5.35
C LEU B 214 -21.94 4.77 4.23
N GLY B 215 -21.03 5.72 4.47
CA GLY B 215 -20.66 6.73 3.49
C GLY B 215 -19.28 6.49 2.90
N THR B 216 -19.21 6.50 1.58
CA THR B 216 -17.95 6.35 0.87
C THR B 216 -18.11 6.80 -0.58
N ASP B 217 -17.06 7.42 -1.11
CA ASP B 217 -17.01 7.73 -2.54
C ASP B 217 -16.03 6.83 -3.28
N THR B 218 -15.44 5.86 -2.60
CA THR B 218 -14.61 4.85 -3.26
C THR B 218 -15.52 3.77 -3.82
N LEU B 219 -15.93 3.95 -5.08
CA LEU B 219 -16.78 2.97 -5.73
C LEU B 219 -16.14 1.59 -5.72
N SER B 220 -14.81 1.52 -5.73
CA SER B 220 -14.13 0.23 -5.69
C SER B 220 -14.39 -0.52 -4.38
N ALA B 221 -14.75 0.20 -3.31
CA ALA B 221 -15.15 -0.47 -2.08
C ALA B 221 -16.49 -1.18 -2.25
N LEU B 222 -17.42 -0.56 -2.98
CA LEU B 222 -18.69 -1.21 -3.26
C LEU B 222 -18.48 -2.55 -3.98
N LEU B 223 -17.57 -2.57 -4.96
CA LEU B 223 -17.40 -3.77 -5.76
C LEU B 223 -16.83 -4.92 -4.93
N LEU B 224 -15.83 -4.64 -4.09
CA LEU B 224 -15.21 -5.69 -3.29
C LEU B 224 -16.17 -6.20 -2.22
N ALA B 225 -16.95 -5.30 -1.61
CA ALA B 225 -17.93 -5.73 -0.62
C ALA B 225 -18.93 -6.69 -1.24
N ARG B 226 -19.40 -6.38 -2.44
CA ARG B 226 -20.35 -7.27 -3.11
C ARG B 226 -19.67 -8.55 -3.57
N ALA B 227 -18.42 -8.45 -4.04
CA ALA B 227 -17.73 -9.63 -4.54
C ALA B 227 -17.30 -10.56 -3.40
N HIS B 228 -16.74 -10.02 -2.33
CA HIS B 228 -16.15 -10.83 -1.28
C HIS B 228 -16.99 -10.91 0.00
N TYR B 229 -18.08 -10.15 0.10
CA TYR B 229 -18.85 -10.12 1.34
C TYR B 229 -20.36 -10.14 1.10
N HIS B 230 -20.81 -10.32 -0.15
CA HIS B 230 -22.23 -10.52 -0.47
C HIS B 230 -23.09 -9.35 -0.05
N THR B 231 -22.59 -8.13 -0.21
CA THR B 231 -23.37 -6.94 0.14
C THR B 231 -23.49 -6.04 -1.08
N PRO B 232 -24.63 -6.06 -1.77
CA PRO B 232 -24.70 -5.44 -3.11
C PRO B 232 -24.36 -3.96 -3.14
N VAL B 233 -25.01 -3.13 -2.33
CA VAL B 233 -24.72 -1.70 -2.34
C VAL B 233 -24.33 -1.28 -0.93
N ALA B 234 -23.11 -1.63 -0.52
CA ALA B 234 -22.72 -1.51 0.88
C ALA B 234 -22.60 -0.07 1.37
N GLY B 235 -22.59 0.93 0.47
CA GLY B 235 -22.38 2.29 0.94
C GLY B 235 -22.98 3.30 -0.01
N TYR B 236 -23.14 4.53 0.50
CA TYR B 236 -23.81 5.62 -0.21
C TYR B 236 -22.89 6.85 -0.24
N SER B 237 -23.26 7.87 -0.99
CA SER B 237 -22.33 8.97 -1.26
C SER B 237 -23.02 10.33 -1.32
N PHE B 238 -22.17 11.34 -1.55
CA PHE B 238 -22.51 12.77 -1.53
C PHE B 238 -22.54 13.32 -2.95
N PRO B 239 -23.65 13.89 -3.44
CA PRO B 239 -23.61 14.62 -4.71
C PRO B 239 -23.46 16.12 -4.52
N ALA B 240 -22.73 16.73 -5.44
CA ALA B 240 -22.28 18.11 -5.31
C ALA B 240 -22.75 18.94 -6.50
N ALA B 241 -22.69 20.26 -6.32
CA ALA B 241 -23.01 21.26 -7.34
C ALA B 241 -22.90 22.67 -6.75
N VAL B 272 -27.97 18.55 -1.05
CA VAL B 272 -27.14 19.50 -1.79
C VAL B 272 -25.81 19.77 -1.07
N ALA B 273 -24.71 19.48 -1.76
CA ALA B 273 -23.37 19.81 -1.29
C ALA B 273 -22.80 20.92 -2.16
N VAL B 274 -22.19 21.93 -1.53
CA VAL B 274 -21.63 23.06 -2.25
C VAL B 274 -20.27 23.41 -1.67
N VAL B 275 -19.36 23.85 -2.54
CA VAL B 275 -18.00 24.18 -2.14
C VAL B 275 -17.92 25.67 -1.82
N SER B 276 -17.05 26.01 -0.87
CA SER B 276 -16.91 27.39 -0.42
C SER B 276 -15.53 27.55 0.20
N ASP B 277 -15.23 28.75 0.70
CA ASP B 277 -13.93 29.03 1.29
C ASP B 277 -13.99 29.40 2.76
N SER B 278 -15.18 29.58 3.34
CA SER B 278 -15.49 30.04 4.70
C SER B 278 -15.76 31.54 4.71
N TYR B 279 -15.19 32.25 3.76
CA TYR B 279 -15.32 33.70 3.69
C TYR B 279 -16.33 34.11 2.62
N ASP B 280 -17.18 33.18 2.19
CA ASP B 280 -18.28 33.48 1.31
C ASP B 280 -19.62 33.47 2.03
N ILE B 281 -19.76 32.67 3.09
CA ILE B 281 -20.80 32.95 4.08
C ILE B 281 -20.52 34.30 4.73
N TYR B 282 -19.24 34.58 4.96
CA TYR B 282 -18.81 35.90 5.43
C TYR B 282 -19.30 37.00 4.50
N ARG B 283 -19.13 36.81 3.19
CA ARG B 283 -19.59 37.79 2.21
C ARG B 283 -21.10 37.75 2.02
N ALA B 284 -21.60 36.63 1.50
CA ALA B 284 -22.97 36.59 0.99
C ALA B 284 -24.03 36.90 2.05
N ILE B 285 -23.68 36.83 3.33
CA ILE B 285 -24.66 37.12 4.37
C ILE B 285 -24.95 38.62 4.43
N ARG B 286 -23.91 39.43 4.58
CA ARG B 286 -24.08 40.86 4.84
C ARG B 286 -23.64 41.73 3.67
N GLU B 287 -23.11 41.16 2.61
CA GLU B 287 -22.84 41.89 1.37
C GLU B 287 -23.75 41.39 0.25
N HIS B 288 -25.00 41.09 0.60
CA HIS B 288 -25.98 40.60 -0.36
C HIS B 288 -26.40 41.69 -1.33
N THR B 292 -29.11 37.62 0.02
CA THR B 292 -30.31 36.86 0.33
C THR B 292 -30.40 35.71 -0.67
N LEU B 293 -29.33 34.92 -0.70
CA LEU B 293 -29.27 33.68 -1.44
C LEU B 293 -30.06 32.60 -0.70
N ARG B 294 -31.27 32.98 -0.26
CA ARG B 294 -32.20 32.04 0.35
C ARG B 294 -33.23 31.71 -0.72
N GLU B 295 -32.71 31.19 -1.83
CA GLU B 295 -33.41 31.13 -3.11
C GLU B 295 -34.11 29.79 -3.29
N GLU B 296 -33.35 28.70 -3.41
CA GLU B 296 -33.91 27.37 -3.26
C GLU B 296 -33.56 26.74 -1.91
N ILE B 297 -32.63 27.34 -1.16
CA ILE B 297 -32.26 26.80 0.15
C ILE B 297 -33.49 26.64 1.03
N ILE B 298 -34.32 27.69 1.08
CA ILE B 298 -35.57 27.59 1.81
C ILE B 298 -36.73 27.17 0.90
N ALA B 299 -36.69 27.57 -0.37
CA ALA B 299 -37.79 27.25 -1.28
C ALA B 299 -37.78 25.78 -1.66
N SER B 300 -36.64 25.27 -2.15
CA SER B 300 -36.54 23.84 -2.39
C SER B 300 -36.47 23.04 -1.10
N GLY B 301 -36.20 23.70 0.03
CA GLY B 301 -36.24 23.05 1.33
C GLY B 301 -35.18 21.98 1.50
N ALA B 302 -34.23 21.93 0.57
CA ALA B 302 -33.19 20.93 0.62
C ALA B 302 -32.20 21.23 1.74
N THR B 303 -31.47 20.20 2.14
CA THR B 303 -30.40 20.35 3.12
C THR B 303 -29.12 20.73 2.39
N VAL B 304 -28.73 22.00 2.49
CA VAL B 304 -27.52 22.48 1.83
C VAL B 304 -26.32 22.18 2.72
N PHE B 305 -25.43 21.31 2.22
CA PHE B 305 -24.18 21.00 2.89
C PHE B 305 -23.11 21.95 2.38
N ILE B 306 -22.62 22.82 3.26
CA ILE B 306 -21.57 23.76 2.89
C ILE B 306 -20.23 23.14 3.22
N ARG B 307 -19.39 22.98 2.21
CA ARG B 307 -18.05 22.43 2.42
C ARG B 307 -16.99 23.48 2.14
N PRO B 308 -16.26 23.94 3.16
CA PRO B 308 -15.08 24.76 2.89
C PRO B 308 -13.90 23.90 2.44
N ASP B 309 -12.99 24.54 1.70
CA ASP B 309 -11.77 23.89 1.27
C ASP B 309 -10.51 24.64 1.68
N SER B 310 -10.63 25.75 2.40
CA SER B 310 -9.49 26.52 2.86
C SER B 310 -9.65 26.88 4.32
N GLY B 311 -8.52 27.05 5.00
CA GLY B 311 -8.51 27.42 6.40
C GLY B 311 -8.14 26.25 7.30
N ASP B 312 -7.97 26.58 8.57
CA ASP B 312 -7.67 25.55 9.57
C ASP B 312 -8.91 24.70 9.81
N PRO B 313 -8.78 23.37 9.80
CA PRO B 313 -9.96 22.51 9.98
C PRO B 313 -10.82 22.84 11.19
N VAL B 314 -10.22 23.26 12.30
CA VAL B 314 -11.03 23.52 13.50
C VAL B 314 -11.70 24.88 13.43
N ASP B 315 -10.96 25.91 13.02
CA ASP B 315 -11.52 27.26 13.03
C ASP B 315 -12.60 27.43 11.98
N VAL B 316 -12.37 26.91 10.78
CA VAL B 316 -13.31 27.11 9.68
C VAL B 316 -14.66 26.46 10.00
N VAL B 317 -14.63 25.31 10.66
CA VAL B 317 -15.87 24.62 11.01
C VAL B 317 -16.69 25.44 12.00
N GLU B 318 -16.03 25.94 13.05
CA GLU B 318 -16.73 26.79 14.00
C GLU B 318 -17.20 28.08 13.34
N GLN B 319 -16.39 28.64 12.44
CA GLN B 319 -16.79 29.86 11.74
C GLN B 319 -18.04 29.64 10.90
N CYS B 320 -18.03 28.59 10.09
CA CYS B 320 -19.15 28.33 9.21
C CYS B 320 -20.41 28.04 10.02
N LEU B 321 -20.28 27.34 11.14
CA LEU B 321 -21.43 27.13 12.01
C LEU B 321 -22.02 28.45 12.47
N LEU B 322 -21.17 29.33 13.03
CA LEU B 322 -21.66 30.61 13.55
C LEU B 322 -22.25 31.46 12.43
N LEU B 323 -21.53 31.59 11.32
CA LEU B 323 -22.07 32.35 10.20
C LEU B 323 -23.41 31.77 9.74
N LEU B 324 -23.45 30.46 9.51
CA LEU B 324 -24.71 29.83 9.09
C LEU B 324 -25.80 30.02 10.13
N ASP B 325 -25.44 29.97 11.42
CA ASP B 325 -26.44 30.19 12.45
C ASP B 325 -27.02 31.59 12.38
N GLU B 326 -26.21 32.57 12.00
CA GLU B 326 -26.70 33.93 11.83
C GLU B 326 -27.39 34.17 10.50
N ALA B 327 -27.50 33.14 9.66
CA ALA B 327 -28.16 33.26 8.36
C ALA B 327 -29.41 32.42 8.23
N PHE B 328 -29.55 31.35 9.01
CA PHE B 328 -30.71 30.48 8.91
C PHE B 328 -31.30 30.13 10.26
N GLY B 329 -30.77 30.67 11.36
CA GLY B 329 -31.27 30.32 12.66
C GLY B 329 -30.98 28.87 12.99
N HIS B 330 -31.55 28.45 14.10
CA HIS B 330 -31.28 27.12 14.64
C HIS B 330 -32.42 26.74 15.57
N GLN B 331 -32.41 25.47 15.97
CA GLN B 331 -33.36 24.96 16.95
C GLN B 331 -32.58 24.18 18.00
N VAL B 332 -33.14 24.10 19.21
CA VAL B 332 -32.46 23.49 20.34
C VAL B 332 -33.10 22.13 20.61
N ASN B 333 -32.29 21.08 20.56
CA ASN B 333 -32.79 19.72 20.73
C ASN B 333 -33.00 19.41 22.21
N GLY B 334 -33.42 18.17 22.50
CA GLY B 334 -33.66 17.78 23.88
C GLY B 334 -32.42 17.82 24.76
N LYS B 335 -31.24 17.73 24.17
CA LYS B 335 -30.00 17.78 24.92
C LYS B 335 -29.54 19.20 25.20
N GLY B 336 -30.20 20.19 24.62
CA GLY B 336 -29.84 21.58 24.82
C GLY B 336 -28.85 22.14 23.83
N TYR B 337 -28.66 21.47 22.69
CA TYR B 337 -27.67 21.89 21.71
C TYR B 337 -28.35 22.40 20.45
N LYS B 338 -27.75 23.41 19.83
CA LYS B 338 -28.34 24.06 18.67
C LYS B 338 -28.13 23.21 17.42
N VAL B 339 -29.15 23.20 16.57
CA VAL B 339 -29.13 22.43 15.32
C VAL B 339 -29.57 23.37 14.21
N LEU B 340 -28.68 23.65 13.27
CA LEU B 340 -28.95 24.62 12.22
C LEU B 340 -30.14 24.16 11.37
N ASN B 341 -30.84 25.15 10.81
CA ASN B 341 -31.95 24.89 9.91
C ASN B 341 -31.43 24.79 8.48
N HIS B 342 -31.62 23.61 7.87
CA HIS B 342 -31.32 23.34 6.46
C HIS B 342 -29.82 23.19 6.18
N VAL B 343 -28.99 24.00 6.80
CA VAL B 343 -27.57 24.02 6.48
C VAL B 343 -26.82 23.05 7.36
N ARG B 344 -25.80 22.42 6.76
CA ARG B 344 -24.85 21.57 7.47
C ARG B 344 -23.46 21.91 6.95
N VAL B 345 -22.44 21.51 7.70
CA VAL B 345 -21.05 21.75 7.32
C VAL B 345 -20.38 20.41 7.06
N PHE B 346 -19.58 20.37 6.00
CA PHE B 346 -18.79 19.20 5.66
C PHE B 346 -17.32 19.60 5.63
N GLN B 347 -16.50 18.93 6.43
CA GLN B 347 -15.06 19.17 6.46
C GLN B 347 -14.36 17.94 5.91
N GLY B 348 -13.76 18.07 4.73
CA GLY B 348 -13.07 16.96 4.13
C GLY B 348 -11.56 17.08 4.22
N ASP B 349 -11.08 18.29 4.47
CA ASP B 349 -9.66 18.60 4.43
C ASP B 349 -9.07 18.58 5.83
N GLY B 350 -7.91 17.93 5.97
CA GLY B 350 -7.18 17.97 7.22
C GLY B 350 -7.77 17.15 8.33
N ILE B 351 -8.70 16.24 8.03
CA ILE B 351 -9.32 15.42 9.06
C ILE B 351 -8.43 14.23 9.37
N ASN B 352 -8.10 14.07 10.65
CA ASN B 352 -7.50 12.86 11.18
C ASN B 352 -8.14 12.65 12.54
N PRO B 353 -7.95 11.49 13.18
CA PRO B 353 -8.58 11.28 14.50
C PRO B 353 -8.34 12.42 15.49
N GLN B 354 -7.15 13.00 15.53
CA GLN B 354 -6.91 14.05 16.52
C GLN B 354 -7.59 15.36 16.12
N SER B 355 -7.49 15.76 14.86
CA SER B 355 -8.13 17.01 14.43
C SER B 355 -9.65 16.89 14.46
N LEU B 356 -10.18 15.69 14.23
CA LEU B 356 -11.63 15.50 14.29
C LEU B 356 -12.14 15.67 15.72
N ARG B 357 -11.41 15.13 16.70
CA ARG B 357 -11.79 15.36 18.08
C ARG B 357 -11.70 16.82 18.45
N ALA B 358 -10.69 17.52 17.91
CA ALA B 358 -10.57 18.95 18.16
C ALA B 358 -11.79 19.69 17.65
N ILE B 359 -12.22 19.40 16.42
CA ILE B 359 -13.40 20.06 15.87
C ILE B 359 -14.61 19.79 16.74
N LEU B 360 -14.84 18.52 17.08
CA LEU B 360 -16.02 18.17 17.87
C LEU B 360 -15.98 18.80 19.25
N GLU B 361 -14.79 18.95 19.84
CA GLU B 361 -14.70 19.60 21.13
C GLU B 361 -15.05 21.08 21.04
N ARG B 362 -14.59 21.74 19.98
CA ARG B 362 -14.83 23.18 19.84
C ARG B 362 -16.30 23.48 19.62
N ILE B 363 -16.95 22.73 18.72
CA ILE B 363 -18.30 23.10 18.29
C ILE B 363 -19.33 22.76 19.36
N THR B 364 -19.09 21.72 20.15
CA THR B 364 -20.03 21.40 21.22
C THR B 364 -19.86 22.32 22.41
N ALA B 365 -18.62 22.76 22.68
CA ALA B 365 -18.42 23.78 23.71
C ALA B 365 -19.05 25.10 23.31
N ALA B 366 -19.12 25.38 22.00
CA ALA B 366 -19.87 26.55 21.54
C ALA B 366 -21.37 26.35 21.64
N GLY B 367 -21.84 25.13 21.89
CA GLY B 367 -23.25 24.86 22.03
C GLY B 367 -23.92 24.27 20.82
N TYR B 368 -23.15 23.78 19.84
CA TYR B 368 -23.71 23.20 18.62
C TYR B 368 -23.66 21.68 18.69
N ALA B 369 -24.75 21.04 18.29
CA ALA B 369 -24.81 19.59 18.32
C ALA B 369 -23.93 18.98 17.23
N ALA B 370 -23.38 17.80 17.52
CA ALA B 370 -22.55 17.09 16.55
C ALA B 370 -23.31 16.73 15.28
N ASP B 371 -24.65 16.84 15.29
CA ASP B 371 -25.43 16.58 14.08
C ASP B 371 -25.08 17.55 12.96
N ASN B 372 -24.57 18.73 13.30
CA ASN B 372 -24.41 19.81 12.34
C ASN B 372 -23.29 19.56 11.33
N VAL B 373 -22.32 18.72 11.65
CA VAL B 373 -21.16 18.56 10.79
C VAL B 373 -21.01 17.10 10.36
N ALA B 374 -20.27 16.91 9.28
CA ALA B 374 -19.88 15.59 8.82
C ALA B 374 -18.45 15.69 8.28
N PHE B 375 -17.74 14.56 8.29
CA PHE B 375 -16.32 14.57 7.99
C PHE B 375 -15.99 13.68 6.79
N GLY B 376 -14.90 14.02 6.12
CA GLY B 376 -14.34 13.21 5.06
C GLY B 376 -12.86 12.95 5.26
N MET B 377 -12.44 11.71 5.13
CA MET B 377 -11.03 11.35 5.21
C MET B 377 -10.61 10.69 3.91
N GLY B 378 -9.43 11.05 3.43
CA GLY B 378 -8.93 10.49 2.20
C GLY B 378 -7.66 9.70 2.42
N GLY B 379 -6.52 10.27 2.02
CA GLY B 379 -5.25 9.60 2.23
C GLY B 379 -4.97 9.29 3.69
N ALA B 380 -5.40 10.17 4.60
CA ALA B 380 -5.17 9.94 6.02
C ALA B 380 -5.90 8.70 6.53
N LEU B 381 -6.77 8.10 5.73
CA LEU B 381 -7.54 6.92 6.11
C LEU B 381 -7.10 5.66 5.38
N LEU B 382 -6.79 5.77 4.08
CA LEU B 382 -6.45 4.61 3.28
C LEU B 382 -4.96 4.44 3.02
N GLN B 383 -4.17 5.50 3.16
CA GLN B 383 -2.77 5.44 2.76
C GLN B 383 -1.79 5.72 3.89
N LYS B 384 -2.10 6.66 4.77
CA LYS B 384 -1.13 7.04 5.80
C LYS B 384 -1.16 6.05 6.95
N VAL B 385 -1.06 4.76 6.64
CA VAL B 385 -0.95 3.70 7.64
C VAL B 385 0.10 2.70 7.16
N ASP B 386 0.73 2.02 8.11
CA ASP B 386 1.73 1.00 7.77
C ASP B 386 1.63 -0.14 8.77
N ARG B 387 2.45 -1.17 8.53
CA ARG B 387 2.46 -2.36 9.37
C ARG B 387 2.96 -2.07 10.78
N ASP B 388 3.65 -0.95 10.98
CA ASP B 388 4.08 -0.57 12.32
C ASP B 388 3.00 0.16 13.10
N THR B 389 1.96 0.65 12.42
CA THR B 389 0.92 1.43 13.11
C THR B 389 0.29 0.62 14.23
N GLN B 390 0.02 -0.65 13.99
CA GLN B 390 -0.42 -1.55 15.05
C GLN B 390 0.57 -2.67 15.29
N LYS B 391 1.83 -2.51 14.87
CA LYS B 391 2.90 -3.47 15.15
C LYS B 391 2.48 -4.88 14.77
N PHE B 392 2.06 -5.03 13.52
CA PHE B 392 1.40 -6.26 13.10
C PHE B 392 2.45 -7.32 12.74
N ALA B 393 2.36 -8.48 13.37
CA ALA B 393 3.34 -9.53 13.23
C ALA B 393 2.67 -10.87 12.92
N LEU B 394 3.41 -11.73 12.21
CA LEU B 394 3.07 -13.13 12.03
C LEU B 394 4.27 -13.92 12.51
N LYS B 395 4.09 -14.68 13.60
CA LYS B 395 5.21 -15.30 14.30
C LYS B 395 5.03 -16.81 14.31
N CYS B 396 6.14 -17.52 14.09
CA CYS B 396 6.13 -18.96 14.30
C CYS B 396 6.16 -19.25 15.79
N SER B 397 5.28 -20.13 16.23
CA SER B 397 5.20 -20.50 17.64
C SER B 397 5.52 -21.96 17.90
N ALA B 398 5.44 -22.82 16.89
CA ALA B 398 5.63 -24.25 17.12
C ALA B 398 5.92 -24.95 15.80
N VAL B 399 6.83 -25.92 15.87
CA VAL B 399 7.06 -26.87 14.79
C VAL B 399 7.10 -28.26 15.42
N ARG B 400 6.72 -29.27 14.63
CA ARG B 400 6.83 -30.66 15.07
C ARG B 400 8.04 -31.28 14.39
N VAL B 401 8.98 -31.78 15.19
CA VAL B 401 10.22 -32.37 14.71
C VAL B 401 10.38 -33.72 15.36
N ASP B 402 10.38 -34.78 14.54
CA ASP B 402 10.46 -36.16 15.04
C ASP B 402 9.26 -36.47 15.93
N GLY B 403 8.07 -36.16 15.43
CA GLY B 403 6.84 -36.45 16.14
C GLY B 403 6.59 -35.63 17.38
N ALA B 404 7.50 -34.75 17.77
CA ALA B 404 7.39 -33.97 19.00
C ALA B 404 7.25 -32.49 18.67
N TRP B 405 6.22 -31.84 19.24
CA TRP B 405 6.11 -30.39 19.14
C TRP B 405 7.13 -29.73 20.06
N ILE B 406 7.82 -28.71 19.55
CA ILE B 406 8.73 -27.91 20.36
C ILE B 406 8.44 -26.44 20.14
N ASP B 407 8.63 -25.64 21.19
CA ASP B 407 8.32 -24.22 21.13
C ASP B 407 9.39 -23.46 20.34
N VAL B 408 8.94 -22.43 19.64
CA VAL B 408 9.82 -21.53 18.90
C VAL B 408 9.64 -20.14 19.49
N TYR B 409 10.74 -19.54 19.93
CA TYR B 409 10.69 -18.24 20.59
C TYR B 409 12.03 -17.51 20.49
N SER B 420 6.71 -13.75 20.77
CA SER B 420 6.70 -13.76 22.23
C SER B 420 5.95 -14.97 22.78
N LYS B 421 4.83 -15.30 22.16
CA LYS B 421 4.01 -16.43 22.60
C LYS B 421 4.53 -17.73 21.99
N ARG B 422 4.29 -18.83 22.68
CA ARG B 422 4.83 -20.13 22.32
C ARG B 422 3.72 -21.17 22.25
N GLY B 423 3.93 -22.19 21.42
CA GLY B 423 3.03 -23.33 21.36
C GLY B 423 1.91 -23.16 20.35
N ARG B 424 0.93 -24.06 20.49
CA ARG B 424 -0.27 -24.04 19.67
C ARG B 424 -1.36 -23.27 20.41
N LEU B 425 -1.79 -22.16 19.85
CA LEU B 425 -2.54 -21.16 20.60
C LEU B 425 -3.95 -20.96 20.02
N THR B 426 -4.75 -20.22 20.78
CA THR B 426 -6.09 -19.80 20.36
C THR B 426 -6.46 -18.59 21.20
N LEU B 427 -7.59 -17.97 20.83
CA LEU B 427 -8.12 -16.82 21.54
C LEU B 427 -9.36 -17.24 22.33
N LEU B 428 -9.40 -16.89 23.61
CA LEU B 428 -10.55 -17.19 24.46
C LEU B 428 -11.32 -15.92 24.77
N ARG B 429 -12.65 -16.04 24.78
CA ARG B 429 -13.54 -14.97 25.20
C ARG B 429 -14.23 -15.43 26.48
N ASP B 430 -14.23 -14.56 27.49
CA ASP B 430 -14.86 -14.89 28.76
C ASP B 430 -16.37 -14.84 28.64
N ARG B 431 -17.05 -15.86 29.16
CA ARG B 431 -18.51 -15.93 29.00
C ARG B 431 -19.22 -14.80 29.74
N ALA B 432 -18.75 -14.46 30.93
CA ALA B 432 -19.42 -13.41 31.71
C ALA B 432 -19.05 -12.02 31.20
N THR B 433 -17.76 -11.68 31.22
CA THR B 433 -17.33 -10.32 30.95
C THR B 433 -17.15 -10.02 29.46
N GLY B 434 -16.96 -11.04 28.64
CA GLY B 434 -16.67 -10.83 27.23
C GLY B 434 -15.23 -10.48 26.93
N GLN B 435 -14.37 -10.45 27.93
CA GLN B 435 -12.97 -10.07 27.73
C GLN B 435 -12.18 -11.19 27.06
N TYR B 436 -11.14 -10.79 26.34
CA TYR B 436 -10.35 -11.71 25.54
C TYR B 436 -9.02 -12.02 26.22
N ARG B 437 -8.50 -13.22 25.94
CA ARG B 437 -7.16 -13.57 26.38
C ARG B 437 -6.66 -14.71 25.51
N SER B 438 -5.37 -14.69 25.20
CA SER B 438 -4.78 -15.77 24.43
C SER B 438 -4.47 -16.94 25.36
N ALA B 439 -4.60 -18.14 24.84
CA ALA B 439 -4.40 -19.35 25.65
C ALA B 439 -3.99 -20.50 24.75
N LEU B 440 -3.54 -21.58 25.38
CA LEU B 440 -3.12 -22.76 24.65
C LEU B 440 -4.30 -23.65 24.29
N LEU B 441 -4.14 -24.42 23.22
CA LEU B 441 -5.22 -25.31 22.78
C LEU B 441 -5.56 -26.33 23.84
N ASP B 442 -4.59 -26.70 24.69
CA ASP B 442 -4.79 -27.68 25.74
C ASP B 442 -5.64 -27.07 26.85
N GLU B 443 -6.07 -25.82 26.68
CA GLU B 443 -6.76 -25.08 27.73
C GLU B 443 -8.17 -24.65 27.32
N VAL B 444 -8.74 -25.24 26.28
CA VAL B 444 -10.12 -24.95 25.92
C VAL B 444 -11.09 -25.86 26.67
N ALA B 445 -10.64 -27.00 27.18
CA ALA B 445 -11.46 -27.86 28.02
C ALA B 445 -11.83 -27.15 29.33
N THR B 446 -10.83 -26.90 30.17
CA THR B 446 -11.03 -26.22 31.45
C THR B 446 -11.63 -24.83 31.27
N GLY B 449 -16.93 -23.75 30.10
CA GLY B 449 -16.56 -23.43 31.46
C GLY B 449 -16.20 -21.97 31.63
N ASP B 450 -17.20 -21.11 31.47
CA ASP B 450 -17.04 -19.66 31.53
C ASP B 450 -15.94 -19.17 30.60
N SER B 451 -15.88 -19.78 29.41
CA SER B 451 -14.94 -19.37 28.37
C SER B 451 -15.30 -20.12 27.09
N ASP B 452 -15.11 -19.45 25.96
CA ASP B 452 -15.27 -20.07 24.66
C ASP B 452 -14.02 -19.83 23.83
N ASP B 453 -13.73 -20.78 22.95
CA ASP B 453 -12.72 -20.57 21.93
C ASP B 453 -13.24 -19.49 20.98
N ALA B 454 -12.61 -18.32 21.00
CA ALA B 454 -13.10 -17.17 20.24
C ALA B 454 -12.74 -17.23 18.77
N LEU B 455 -11.91 -18.19 18.36
CA LEU B 455 -11.56 -18.38 16.95
C LEU B 455 -12.42 -19.45 16.31
N VAL B 456 -12.61 -19.34 14.99
CA VAL B 456 -13.30 -20.36 14.20
C VAL B 456 -12.47 -20.71 12.98
N THR B 457 -12.50 -21.98 12.61
CA THR B 457 -11.80 -22.44 11.41
C THR B 457 -12.53 -21.92 10.17
N VAL B 458 -11.89 -20.99 9.48
CA VAL B 458 -12.48 -20.35 8.30
C VAL B 458 -12.02 -20.99 7.01
N TRP B 459 -10.87 -21.66 7.00
CA TRP B 459 -10.26 -22.19 5.79
C TRP B 459 -9.48 -23.44 6.12
N GLU B 460 -9.70 -24.51 5.37
CA GLU B 460 -8.96 -25.75 5.59
C GLU B 460 -8.94 -26.55 4.30
N ASN B 461 -7.74 -26.81 3.79
CA ASN B 461 -7.53 -27.72 2.65
C ASN B 461 -8.38 -27.32 1.45
N GLY B 462 -8.30 -26.05 1.07
CA GLY B 462 -8.93 -25.57 -0.14
C GLY B 462 -10.34 -25.04 0.02
N GLN B 463 -11.01 -25.40 1.10
CA GLN B 463 -12.41 -25.03 1.31
C GLN B 463 -12.50 -23.93 2.36
N MET B 464 -13.14 -22.82 2.00
CA MET B 464 -13.48 -21.80 2.99
C MET B 464 -14.67 -22.30 3.79
N LEU B 465 -14.46 -22.54 5.08
CA LEU B 465 -15.50 -23.14 5.91
C LEU B 465 -16.44 -22.11 6.53
N ARG B 466 -15.99 -20.86 6.69
CA ARG B 466 -16.80 -19.81 7.30
C ARG B 466 -16.69 -18.54 6.49
N GLU B 467 -17.85 -17.96 6.15
CA GLU B 467 -17.91 -16.68 5.47
C GLU B 467 -18.83 -15.75 6.25
N TRP B 468 -18.57 -14.46 6.15
CA TRP B 468 -19.39 -13.43 6.76
C TRP B 468 -19.93 -12.51 5.67
N THR B 469 -21.16 -12.03 5.87
CA THR B 469 -21.61 -10.89 5.09
C THR B 469 -21.06 -9.62 5.72
N LEU B 470 -20.99 -8.55 4.91
CA LEU B 470 -20.50 -7.29 5.47
C LEU B 470 -21.40 -6.81 6.61
N GLU B 471 -22.68 -7.17 6.56
CA GLU B 471 -23.58 -6.79 7.65
C GLU B 471 -23.24 -7.54 8.93
N GLN B 472 -22.89 -8.82 8.82
CA GLN B 472 -22.40 -9.54 10.00
C GLN B 472 -21.16 -8.86 10.57
N VAL B 473 -20.23 -8.46 9.70
CA VAL B 473 -19.02 -7.79 10.14
C VAL B 473 -19.36 -6.48 10.82
N ARG B 474 -20.23 -5.68 10.19
CA ARG B 474 -20.66 -4.42 10.79
C ARG B 474 -21.28 -4.65 12.15
N ALA B 475 -22.02 -5.75 12.32
CA ALA B 475 -22.64 -6.05 13.60
C ALA B 475 -21.58 -6.24 14.68
N HIS B 476 -20.57 -7.05 14.41
CA HIS B 476 -19.53 -7.32 15.40
C HIS B 476 -18.75 -6.06 15.75
N ALA B 477 -18.50 -5.20 14.75
CA ALA B 477 -17.78 -3.96 15.04
C ALA B 477 -18.62 -3.01 15.84
N ASP B 478 -19.92 -2.95 15.56
CA ASP B 478 -20.77 -1.96 16.22
C ASP B 478 -21.03 -2.31 17.68
N ALA B 479 -21.02 -3.60 18.03
CA ALA B 479 -21.22 -3.98 19.42
C ALA B 479 -20.05 -3.54 20.29
N ALA B 480 -18.83 -3.62 19.76
CA ALA B 480 -17.64 -3.24 20.52
C ALA B 480 -17.58 -1.72 20.69
N ARG B 481 -17.23 -1.29 21.90
CA ARG B 481 -17.18 0.13 22.25
C ARG B 481 -15.88 0.45 22.99
N LEU B 482 -15.72 1.75 23.29
CA LEU B 482 -14.64 2.41 24.06
C LEU B 482 -13.67 3.16 23.14
#